data_6T8N
#
_entry.id   6T8N
#
_cell.length_a   52.270
_cell.length_b   69.230
_cell.length_c   164.690
_cell.angle_alpha   90.000
_cell.angle_beta   90.000
_cell.angle_gamma   90.000
#
_symmetry.space_group_name_H-M   'P 2 21 21'
#
loop_
_entity.id
_entity.type
_entity.pdbx_description
1 polymer 'Activin receptor type I'
2 non-polymer 1,2-ETHANEDIOL
3 non-polymer 'SULFATE ION'
4 non-polymer 'L(+)-TARTARIC ACID'
5 non-polymer cyclopropyl-[4-[6-[5-(4-ethoxy-1-propan-2-yl-piperidin-4-yl)pyridin-2-yl]pyrrolo[1,2-b]pyridazin-4-yl]piperazin-1-yl]methanone
6 non-polymer 'DIMETHYL SULFOXIDE'
7 water water
#
_entity_poly.entity_id   1
_entity_poly.type   'polypeptide(L)'
_entity_poly.pdbx_seq_one_letter_code
;SMQRTVARDITLLECVGKGRYGEVWRGSWQGENVAVKIFSSRDEKSWFRETELYNTVMLRHENILGFIASDMTSRHSSTQ
LWLITHYHEMGSLYDYLQLTTLDTVSCLRIVLSIASGLAHLHIEIFGTQGKPAIAHRDLKSKNILVKKNGQCCIADLGLA
VMHSQSTNQLDVGNNPRVGTKRYMAPEVLDETIQVDCFDSYKRVDIWAFGLVLWEVARRMVSNGIVEDYKPPFYDVVPND
PSFEDMRKVVCVDQQRPNIPNRWFSDPTLTSLAKLMKECWYQNPSARLTALRIKKTLTKID
;
_entity_poly.pdbx_strand_id   A,B
#
loop_
_chem_comp.id
_chem_comp.type
_chem_comp.name
_chem_comp.formula
DMS non-polymer 'DIMETHYL SULFOXIDE' 'C2 H6 O S'
EDO non-polymer 1,2-ETHANEDIOL 'C2 H6 O2'
MVE non-polymer cyclopropyl-[4-[6-[5-(4-ethoxy-1-propan-2-yl-piperidin-4-yl)pyridin-2-yl]pyrrolo[1,2-b]pyridazin-4-yl]piperazin-1-yl]methanone 'C30 H40 N6 O2'
SO4 non-polymer 'SULFATE ION' 'O4 S -2'
TLA non-polymer 'L(+)-TARTARIC ACID' 'C4 H6 O6'
#
# COMPACT_ATOMS: atom_id res chain seq x y z
N THR A 5 -12.77 23.63 -6.20
CA THR A 5 -14.17 23.30 -5.99
C THR A 5 -14.29 22.47 -4.71
N VAL A 6 -13.28 21.68 -4.36
CA VAL A 6 -13.34 20.97 -3.09
C VAL A 6 -13.45 21.98 -1.96
N ALA A 7 -12.62 23.01 -2.00
CA ALA A 7 -12.59 24.00 -0.93
C ALA A 7 -13.94 24.69 -0.76
N ARG A 8 -14.64 24.96 -1.87
CA ARG A 8 -15.92 25.66 -1.76
C ARG A 8 -17.00 24.80 -1.09
N ASP A 9 -16.85 23.47 -1.13
CA ASP A 9 -17.78 22.54 -0.52
C ASP A 9 -17.37 22.10 0.88
N ILE A 10 -16.32 22.69 1.44
CA ILE A 10 -15.84 22.29 2.75
C ILE A 10 -16.46 23.20 3.80
N THR A 11 -16.95 22.60 4.88
CA THR A 11 -17.39 23.37 6.04
C THR A 11 -16.29 23.26 7.08
N LEU A 12 -15.70 24.37 7.48
CA LEU A 12 -14.69 24.32 8.52
C LEU A 12 -15.35 24.23 9.88
N LEU A 13 -14.90 23.29 10.71
CA LEU A 13 -15.54 23.00 12.00
C LEU A 13 -14.67 23.30 13.20
N GLU A 14 -13.38 22.99 13.19
CA GLU A 14 -12.59 23.17 14.38
C GLU A 14 -11.12 23.31 14.02
N CYS A 15 -10.47 24.28 14.62
CA CYS A 15 -9.01 24.37 14.49
C CYS A 15 -8.38 23.32 15.41
N VAL A 16 -7.53 22.46 14.85
CA VAL A 16 -6.87 21.44 15.65
C VAL A 16 -5.36 21.64 15.75
N GLY A 17 -4.84 22.68 15.11
CA GLY A 17 -3.42 22.96 15.22
C GLY A 17 -3.07 24.35 14.73
N LYS A 18 -2.03 24.95 15.33
CA LYS A 18 -1.59 26.29 14.99
C LYS A 18 -0.08 26.34 15.19
N GLY A 19 0.63 26.91 14.22
CA GLY A 19 2.06 27.07 14.29
C GLY A 19 2.56 28.11 13.32
N ARG A 20 3.90 28.22 13.23
CA ARG A 20 4.52 29.14 12.29
C ARG A 20 4.15 28.79 10.85
N TYR A 21 3.90 27.50 10.59
CA TYR A 21 3.43 27.03 9.30
C TYR A 21 2.03 27.54 8.96
N GLY A 22 1.24 27.93 9.95
CA GLY A 22 -0.14 28.33 9.72
C GLY A 22 -1.07 27.61 10.69
N GLU A 23 -2.12 27.00 10.17
CA GLU A 23 -3.11 26.33 10.99
C GLU A 23 -3.59 25.06 10.32
N VAL A 24 -4.06 24.11 11.14
CA VAL A 24 -4.79 22.96 10.63
C VAL A 24 -6.20 22.96 11.19
N TRP A 25 -7.17 22.73 10.31
CA TRP A 25 -8.59 22.70 10.67
C TRP A 25 -9.20 21.35 10.36
N ARG A 26 -10.11 20.89 11.22
CA ARG A 26 -10.97 19.77 10.89
C ARG A 26 -12.16 20.33 10.11
N GLY A 27 -12.39 19.81 8.91
CA GLY A 27 -13.48 20.27 8.08
C GLY A 27 -14.33 19.08 7.67
N SER A 28 -15.47 19.39 7.07
CA SER A 28 -16.35 18.37 6.55
C SER A 28 -16.47 18.56 5.05
N TRP A 29 -16.33 17.47 4.31
CA TRP A 29 -16.47 17.52 2.87
C TRP A 29 -17.24 16.29 2.44
N GLN A 30 -18.42 16.48 1.85
CA GLN A 30 -19.29 15.37 1.49
C GLN A 30 -19.60 14.48 2.69
N GLY A 31 -19.78 15.10 3.85
CA GLY A 31 -20.10 14.38 5.07
C GLY A 31 -18.95 13.65 5.76
N GLU A 32 -17.74 13.75 5.23
CA GLU A 32 -16.58 13.09 5.80
C GLU A 32 -15.62 14.14 6.35
N ASN A 33 -14.91 13.77 7.43
CA ASN A 33 -13.91 14.67 8.01
C ASN A 33 -12.76 14.82 7.03
N VAL A 34 -12.23 16.04 6.90
CA VAL A 34 -11.01 16.28 6.13
C VAL A 34 -10.12 17.21 6.94
N ALA A 35 -8.83 17.14 6.67
CA ALA A 35 -7.88 18.05 7.30
C ALA A 35 -7.62 19.17 6.32
N VAL A 36 -7.74 20.40 6.77
CA VAL A 36 -7.39 21.54 5.94
C VAL A 36 -6.24 22.27 6.59
N LYS A 37 -5.10 22.29 5.92
CA LYS A 37 -3.91 22.98 6.41
C LYS A 37 -3.85 24.31 5.67
N ILE A 38 -4.00 25.40 6.42
CA ILE A 38 -4.04 26.75 5.88
C ILE A 38 -2.66 27.36 6.11
N PHE A 39 -1.92 27.57 5.04
CA PHE A 39 -0.52 27.95 5.19
C PHE A 39 -0.38 29.41 5.56
N SER A 40 0.64 29.68 6.37
CA SER A 40 0.94 31.05 6.73
C SER A 40 1.64 31.75 5.58
N SER A 41 1.64 33.08 5.65
CA SER A 41 2.43 33.88 4.71
C SER A 41 3.89 33.42 4.68
N ARG A 42 4.48 33.21 5.86
CA ARG A 42 5.87 32.77 5.97
C ARG A 42 6.16 31.46 5.24
N ASP A 43 5.15 30.64 4.95
CA ASP A 43 5.42 29.28 4.50
C ASP A 43 4.71 28.95 3.19
N GLU A 44 4.42 29.97 2.37
CA GLU A 44 3.68 29.73 1.13
C GLU A 44 4.43 28.81 0.19
N LYS A 45 5.77 28.87 0.19
CA LYS A 45 6.56 28.03 -0.71
C LYS A 45 6.45 26.56 -0.36
N SER A 46 6.24 26.20 0.91
CA SER A 46 5.98 24.80 1.22
C SER A 46 4.66 24.32 0.60
N TRP A 47 3.63 25.15 0.68
CA TRP A 47 2.38 24.86 -0.02
C TRP A 47 2.65 24.61 -1.50
N PHE A 48 3.52 25.43 -2.10
CA PHE A 48 3.73 25.32 -3.55
C PHE A 48 4.46 24.02 -3.89
N ARG A 49 5.50 23.69 -3.12
CA ARG A 49 6.24 22.45 -3.38
C ARG A 49 5.35 21.24 -3.19
N GLU A 50 4.57 21.21 -2.10
CA GLU A 50 3.70 20.07 -1.84
C GLU A 50 2.65 19.92 -2.93
N THR A 51 2.07 21.03 -3.34
CA THR A 51 1.08 21.00 -4.41
C THR A 51 1.70 20.44 -5.69
N GLU A 52 2.91 20.90 -6.05
CA GLU A 52 3.55 20.37 -7.25
C GLU A 52 3.80 18.88 -7.13
N LEU A 53 4.28 18.43 -5.97
CA LEU A 53 4.55 17.01 -5.75
C LEU A 53 3.27 16.17 -5.88
N TYR A 54 2.19 16.58 -5.20
CA TYR A 54 0.97 15.78 -5.22
C TYR A 54 0.25 15.79 -6.56
N ASN A 55 0.59 16.73 -7.47
CA ASN A 55 -0.07 16.83 -8.74
C ASN A 55 0.75 16.27 -9.89
N THR A 56 1.96 15.78 -9.62
CA THR A 56 2.89 15.30 -10.65
C THR A 56 3.56 13.98 -10.32
N VAL A 57 3.59 13.55 -9.08
CA VAL A 57 4.22 12.32 -8.68
C VAL A 57 3.18 11.41 -8.07
N MET A 58 3.18 10.15 -8.50
CA MET A 58 2.23 9.17 -7.95
C MET A 58 2.80 8.69 -6.63
N LEU A 59 2.22 9.16 -5.51
CA LEU A 59 2.80 8.94 -4.20
C LEU A 59 1.98 8.02 -3.31
N ARG A 60 0.70 7.80 -3.62
CA ARG A 60 -0.26 7.19 -2.71
C ARG A 60 0.28 5.91 -2.07
N HIS A 61 0.10 5.82 -0.77
CA HIS A 61 0.73 4.76 0.00
C HIS A 61 0.08 4.76 1.37
N GLU A 62 -0.03 3.58 1.95
CA GLU A 62 -0.69 3.44 3.25
C GLU A 62 -0.12 4.38 4.29
N ASN A 63 1.20 4.59 4.27
CA ASN A 63 1.91 5.33 5.30
C ASN A 63 2.37 6.71 4.83
N ILE A 64 1.73 7.25 3.80
CA ILE A 64 1.87 8.65 3.39
C ILE A 64 0.49 9.29 3.48
N LEU A 65 0.40 10.46 4.11
CA LEU A 65 -0.89 11.12 4.34
C LEU A 65 -1.64 11.31 3.02
N GLY A 66 -2.91 10.89 3.04
CA GLY A 66 -3.70 10.89 1.80
C GLY A 66 -4.09 12.28 1.35
N PHE A 67 -3.87 12.54 0.07
CA PHE A 67 -4.07 13.85 -0.54
C PHE A 67 -5.46 13.88 -1.16
N ILE A 68 -6.15 14.99 -0.96
CA ILE A 68 -7.43 15.23 -1.61
C ILE A 68 -7.29 16.32 -2.65
N ALA A 69 -6.81 17.50 -2.25
CA ALA A 69 -6.70 18.58 -3.22
C ALA A 69 -5.94 19.72 -2.61
N SER A 70 -5.52 20.61 -3.49
CA SER A 70 -4.83 21.84 -3.13
C SER A 70 -5.59 22.98 -3.77
N ASP A 71 -5.71 24.09 -3.08
CA ASP A 71 -6.50 25.15 -3.67
C ASP A 71 -6.06 26.48 -3.08
N MET A 72 -6.26 27.52 -3.87
CA MET A 72 -6.17 28.90 -3.45
C MET A 72 -7.62 29.37 -3.43
N THR A 73 -8.13 29.67 -2.26
CA THR A 73 -9.55 29.94 -2.09
C THR A 73 -9.79 31.41 -1.78
N SER A 74 -10.98 31.88 -2.16
CA SER A 74 -11.40 33.28 -2.06
C SER A 74 -12.56 33.48 -1.08
N SER A 78 -10.06 38.17 0.76
CA SER A 78 -9.34 37.17 1.54
C SER A 78 -8.95 35.98 0.66
N THR A 79 -7.64 35.75 0.55
CA THR A 79 -7.07 34.66 -0.23
C THR A 79 -6.18 33.79 0.66
N GLN A 80 -6.41 32.48 0.62
CA GLN A 80 -5.66 31.55 1.45
C GLN A 80 -5.16 30.40 0.61
N LEU A 81 -4.09 29.78 1.09
CA LEU A 81 -3.55 28.58 0.46
C LEU A 81 -3.91 27.39 1.32
N TRP A 82 -4.58 26.42 0.73
CA TRP A 82 -5.14 25.29 1.45
C TRP A 82 -4.57 23.99 0.88
N LEU A 83 -4.23 23.07 1.78
CA LEU A 83 -3.87 21.72 1.37
C LEU A 83 -4.83 20.80 2.10
N ILE A 84 -5.65 20.06 1.34
CA ILE A 84 -6.74 19.28 1.92
C ILE A 84 -6.38 17.81 1.85
N THR A 85 -6.43 17.13 2.99
CA THR A 85 -5.98 15.77 3.11
C THR A 85 -6.99 14.98 3.96
N HIS A 86 -6.77 13.66 4.01
CA HIS A 86 -7.48 12.83 4.98
C HIS A 86 -7.25 13.41 6.37
N TYR A 87 -8.19 13.13 7.26
CA TYR A 87 -8.17 13.56 8.64
C TYR A 87 -7.94 12.37 9.57
N HIS A 88 -6.97 12.50 10.48
CA HIS A 88 -6.68 11.49 11.51
C HIS A 88 -6.91 12.08 12.89
N GLU A 89 -8.00 11.65 13.56
CA GLU A 89 -8.46 12.33 14.77
C GLU A 89 -7.49 12.19 15.94
N MET A 90 -6.59 11.19 15.90
CA MET A 90 -5.55 11.07 16.92
C MET A 90 -4.51 12.18 16.80
N GLY A 91 -4.47 12.86 15.67
CA GLY A 91 -3.48 13.90 15.54
C GLY A 91 -2.11 13.30 15.33
N SER A 92 -1.09 14.05 15.68
CA SER A 92 0.26 13.64 15.35
C SER A 92 0.81 12.71 16.41
N LEU A 93 1.92 12.08 16.06
CA LEU A 93 2.64 11.23 17.01
C LEU A 93 3.04 12.03 18.25
N TYR A 94 3.52 13.25 18.04
CA TYR A 94 3.78 14.15 19.16
C TYR A 94 2.57 14.24 20.09
N ASP A 95 1.37 14.50 19.55
CA ASP A 95 0.17 14.59 20.39
C ASP A 95 -0.15 13.25 21.07
N TYR A 96 -0.14 12.18 20.29
CA TYR A 96 -0.56 10.88 20.78
C TYR A 96 0.38 10.34 21.86
N LEU A 97 1.68 10.46 21.65
CA LEU A 97 2.62 9.94 22.63
C LEU A 97 2.50 10.61 23.99
N GLN A 98 1.88 11.81 24.05
CA GLN A 98 1.76 12.49 25.32
C GLN A 98 0.52 12.11 26.11
N LEU A 99 -0.46 11.45 25.51
CA LEU A 99 -1.63 11.04 26.27
C LEU A 99 -1.71 9.52 26.49
N THR A 100 -0.78 8.73 25.94
CA THR A 100 -0.84 7.29 26.21
C THR A 100 0.55 6.67 26.17
N THR A 101 0.67 5.52 26.83
CA THR A 101 1.86 4.68 26.73
C THR A 101 1.53 3.56 25.74
N LEU A 102 2.57 2.83 25.32
CA LEU A 102 2.48 1.83 24.27
C LEU A 102 2.81 0.45 24.83
N ASP A 103 2.39 -0.59 24.13
CA ASP A 103 2.89 -1.92 24.38
C ASP A 103 3.73 -2.35 23.19
N THR A 104 4.24 -3.58 23.29
CA THR A 104 5.12 -4.08 22.24
C THR A 104 4.45 -4.01 20.87
N VAL A 105 3.23 -4.50 20.78
CA VAL A 105 2.55 -4.54 19.49
C VAL A 105 2.34 -3.13 18.95
N SER A 106 1.84 -2.23 19.77
CA SER A 106 1.52 -0.90 19.25
C SER A 106 2.80 -0.11 18.95
N CYS A 107 3.88 -0.33 19.72
CA CYS A 107 5.15 0.34 19.42
C CYS A 107 5.74 -0.14 18.10
N LEU A 108 5.83 -1.45 17.91
CA LEU A 108 6.38 -1.93 16.65
C LEU A 108 5.49 -1.55 15.46
N ARG A 109 4.18 -1.44 15.65
CA ARG A 109 3.32 -1.08 14.53
C ARG A 109 3.58 0.37 14.11
N ILE A 110 3.77 1.26 15.10
CA ILE A 110 4.11 2.65 14.77
C ILE A 110 5.43 2.71 13.98
N VAL A 111 6.48 2.07 14.49
CA VAL A 111 7.80 2.31 13.93
C VAL A 111 7.97 1.59 12.60
N LEU A 112 7.40 0.39 12.48
CA LEU A 112 7.42 -0.26 11.18
C LEU A 112 6.63 0.55 10.14
N SER A 113 5.51 1.17 10.54
CA SER A 113 4.74 1.90 9.53
C SER A 113 5.49 3.15 9.06
N ILE A 114 6.19 3.84 9.97
CA ILE A 114 7.02 4.98 9.54
C ILE A 114 8.13 4.51 8.60
N ALA A 115 8.84 3.44 8.97
CA ALA A 115 9.91 2.93 8.11
C ALA A 115 9.38 2.54 6.73
N SER A 116 8.16 1.98 6.68
CA SER A 116 7.57 1.61 5.40
C SER A 116 7.28 2.83 4.53
N GLY A 117 6.73 3.89 5.15
CA GLY A 117 6.48 5.11 4.39
C GLY A 117 7.77 5.76 3.92
N LEU A 118 8.80 5.75 4.77
CA LEU A 118 10.05 6.41 4.42
C LEU A 118 10.76 5.63 3.32
N ALA A 119 10.80 4.30 3.46
CA ALA A 119 11.34 3.49 2.38
C ALA A 119 10.60 3.75 1.08
N HIS A 120 9.27 3.86 1.15
CA HIS A 120 8.52 4.13 -0.07
C HIS A 120 8.91 5.46 -0.70
N LEU A 121 9.08 6.51 0.10
CA LEU A 121 9.56 7.78 -0.41
C LEU A 121 10.91 7.59 -1.07
N HIS A 122 11.85 6.95 -0.37
CA HIS A 122 13.24 6.98 -0.81
C HIS A 122 13.47 6.20 -2.09
N ILE A 123 12.69 5.15 -2.33
CA ILE A 123 13.00 4.19 -3.38
C ILE A 123 12.37 4.65 -4.70
N GLU A 124 13.19 4.75 -5.73
CA GLU A 124 12.68 5.06 -7.06
C GLU A 124 12.04 3.81 -7.64
N ILE A 125 10.87 3.98 -8.25
CA ILE A 125 10.16 2.90 -8.94
C ILE A 125 10.12 3.23 -10.42
N PHE A 126 10.63 2.30 -11.24
CA PHE A 126 10.63 2.45 -12.70
C PHE A 126 9.23 2.38 -13.29
N GLY A 127 9.03 3.09 -14.39
CA GLY A 127 7.89 2.83 -15.24
C GLY A 127 6.71 3.73 -14.96
N THR A 128 5.64 3.47 -15.70
CA THR A 128 4.51 4.38 -15.70
C THR A 128 3.71 4.30 -14.42
N GLN A 129 3.88 3.23 -13.64
CA GLN A 129 3.31 3.09 -12.30
C GLN A 129 4.34 3.42 -11.22
N GLY A 130 5.42 4.10 -11.58
CA GLY A 130 6.51 4.33 -10.68
C GLY A 130 6.53 5.73 -10.09
N LYS A 131 7.73 6.14 -9.68
CA LYS A 131 7.92 7.41 -9.01
C LYS A 131 9.44 7.68 -8.97
N PRO A 132 9.82 8.95 -8.89
CA PRO A 132 11.21 9.26 -8.55
C PRO A 132 11.50 8.92 -7.09
N ALA A 133 12.80 8.88 -6.77
CA ALA A 133 13.21 8.86 -5.37
C ALA A 133 12.92 10.20 -4.73
N ILE A 134 12.49 10.18 -3.46
CA ILE A 134 12.09 11.36 -2.74
C ILE A 134 12.70 11.35 -1.34
N ALA A 135 13.27 12.48 -0.94
CA ALA A 135 13.74 12.63 0.45
C ALA A 135 12.92 13.73 1.11
N HIS A 136 12.60 13.54 2.38
CA HIS A 136 11.59 14.38 3.04
C HIS A 136 12.21 15.66 3.60
N ARG A 137 13.26 15.54 4.37
CA ARG A 137 14.11 16.61 4.88
C ARG A 137 13.57 17.31 6.12
N ASP A 138 12.38 16.98 6.61
CA ASP A 138 11.97 17.57 7.88
C ASP A 138 11.09 16.60 8.67
N LEU A 139 11.44 15.33 8.66
CA LEU A 139 10.70 14.33 9.42
C LEU A 139 10.78 14.64 10.91
N LYS A 140 9.64 14.57 11.60
CA LYS A 140 9.62 14.80 13.05
C LYS A 140 8.31 14.24 13.59
N SER A 141 8.21 14.19 14.93
CA SER A 141 7.02 13.56 15.48
C SER A 141 5.77 14.39 15.20
N LYS A 142 5.92 15.70 14.97
CA LYS A 142 4.77 16.59 14.75
C LYS A 142 4.16 16.51 13.35
N ASN A 143 4.83 15.87 12.39
CA ASN A 143 4.24 15.74 11.06
C ASN A 143 4.12 14.28 10.64
N ILE A 144 4.02 13.39 11.61
CA ILE A 144 3.65 12.00 11.40
C ILE A 144 2.32 11.82 12.09
N LEU A 145 1.31 11.35 11.38
CA LEU A 145 -0.02 11.18 11.97
C LEU A 145 -0.19 9.74 12.42
N VAL A 146 -1.05 9.54 13.43
CA VAL A 146 -1.37 8.22 13.94
C VAL A 146 -2.81 7.91 13.54
N LYS A 147 -3.02 6.77 12.89
CA LYS A 147 -4.35 6.31 12.54
C LYS A 147 -4.97 5.54 13.70
N LYS A 148 -6.29 5.35 13.64
CA LYS A 148 -6.93 4.61 14.72
C LYS A 148 -6.51 3.13 14.72
N ASN A 149 -6.23 2.56 13.54
CA ASN A 149 -5.70 1.21 13.48
C ASN A 149 -4.25 1.09 13.98
N GLY A 150 -3.61 2.17 14.42
CA GLY A 150 -2.32 2.09 15.04
C GLY A 150 -1.14 2.23 14.10
N GLN A 151 -1.38 2.25 12.79
CA GLN A 151 -0.33 2.61 11.86
C GLN A 151 -0.22 4.13 11.74
N CYS A 152 0.90 4.58 11.21
CA CYS A 152 1.17 6.00 11.02
C CYS A 152 1.22 6.34 9.54
N CYS A 153 1.24 7.64 9.28
CA CYS A 153 1.48 8.11 7.91
C CYS A 153 2.22 9.44 8.00
N ILE A 154 3.16 9.63 7.08
CA ILE A 154 4.01 10.81 7.03
C ILE A 154 3.34 11.92 6.22
N ALA A 155 3.40 13.15 6.74
CA ALA A 155 2.81 14.35 6.14
C ALA A 155 3.93 15.36 5.80
N ASP A 156 3.51 16.49 5.17
CA ASP A 156 4.31 17.72 5.19
C ASP A 156 5.54 17.58 4.31
N LEU A 157 5.30 17.42 3.02
CA LEU A 157 6.34 17.22 2.05
C LEU A 157 6.83 18.53 1.40
N GLY A 158 6.66 19.67 2.08
CA GLY A 158 7.03 20.96 1.50
C GLY A 158 8.52 21.20 1.30
N LEU A 159 9.39 20.44 1.98
CA LEU A 159 10.83 20.51 1.77
C LEU A 159 11.36 19.37 0.92
N ALA A 160 10.49 18.55 0.36
CA ALA A 160 10.95 17.32 -0.27
C ALA A 160 11.87 17.59 -1.46
N VAL A 161 12.80 16.66 -1.70
CA VAL A 161 13.66 16.74 -2.88
C VAL A 161 13.52 15.41 -3.63
N MET A 162 13.64 15.48 -4.95
CA MET A 162 13.41 14.34 -5.81
C MET A 162 14.65 14.02 -6.63
N HIS A 163 14.73 12.78 -7.08
CA HIS A 163 15.89 12.34 -7.82
C HIS A 163 15.48 11.24 -8.79
N SER A 164 15.98 11.32 -10.01
CA SER A 164 15.82 10.26 -10.99
C SER A 164 17.19 9.69 -11.32
N GLN A 165 17.38 8.41 -11.03
CA GLN A 165 18.68 7.78 -11.23
C GLN A 165 19.05 7.70 -12.72
N SER A 166 18.05 7.59 -13.59
CA SER A 166 18.31 7.36 -15.01
C SER A 166 18.96 8.57 -15.67
N THR A 167 18.48 9.77 -15.36
CA THR A 167 19.03 11.00 -15.88
C THR A 167 19.98 11.68 -14.91
N ASN A 168 20.13 11.12 -13.72
CA ASN A 168 20.85 11.75 -12.61
C ASN A 168 20.47 13.23 -12.49
N GLN A 169 19.17 13.46 -12.35
CA GLN A 169 18.65 14.79 -12.06
C GLN A 169 18.21 14.87 -10.61
N LEU A 170 18.67 15.92 -9.94
CA LEU A 170 18.36 16.20 -8.54
C LEU A 170 17.52 17.46 -8.53
N ASP A 171 16.30 17.36 -8.03
CA ASP A 171 15.42 18.53 -7.93
C ASP A 171 15.33 18.91 -6.45
N VAL A 172 16.11 19.91 -6.06
CA VAL A 172 15.96 20.53 -4.76
C VAL A 172 15.01 21.71 -4.93
N GLY A 173 14.21 21.98 -3.93
CA GLY A 173 13.36 23.15 -4.02
C GLY A 173 14.10 24.39 -3.56
N ASN A 174 13.66 25.55 -4.02
CA ASN A 174 14.21 26.79 -3.50
C ASN A 174 13.22 27.32 -2.46
N ASN A 175 13.33 26.79 -1.26
CA ASN A 175 12.43 27.12 -0.18
C ASN A 175 13.21 27.79 0.94
N PRO A 176 12.80 28.97 1.40
CA PRO A 176 13.52 29.59 2.53
C PRO A 176 13.49 28.73 3.79
N ARG A 177 12.44 27.95 3.99
CA ARG A 177 12.30 27.07 5.14
C ARG A 177 13.48 26.12 5.25
N VAL A 178 13.94 25.87 6.48
CA VAL A 178 14.90 24.81 6.73
C VAL A 178 14.28 23.84 7.75
N GLY A 179 14.92 22.68 7.88
CA GLY A 179 14.43 21.69 8.79
C GLY A 179 14.44 22.16 10.23
N THR A 180 13.62 21.51 11.03
CA THR A 180 13.52 21.86 12.45
C THR A 180 14.87 21.66 13.13
N LYS A 181 15.35 22.69 13.82
CA LYS A 181 16.74 22.69 14.26
C LYS A 181 17.03 21.56 15.24
N ARG A 182 16.10 21.24 16.12
CA ARG A 182 16.27 20.17 17.09
C ARG A 182 16.52 18.83 16.43
N TYR A 183 16.02 18.62 15.21
CA TYR A 183 16.16 17.36 14.51
C TYR A 183 17.26 17.37 13.43
N MET A 184 18.03 18.45 13.34
CA MET A 184 19.00 18.58 12.23
C MET A 184 20.19 17.64 12.42
N ALA A 185 20.59 16.99 11.34
CA ALA A 185 21.69 16.06 11.35
C ALA A 185 23.03 16.77 11.50
N PRO A 186 24.05 16.07 12.03
CA PRO A 186 25.39 16.70 12.18
C PRO A 186 25.88 17.43 10.94
N GLU A 187 25.73 16.84 9.76
CA GLU A 187 26.27 17.46 8.54
C GLU A 187 25.51 18.74 8.15
N VAL A 188 24.24 18.87 8.53
CA VAL A 188 23.51 20.12 8.32
C VAL A 188 24.02 21.20 9.26
N LEU A 189 24.28 20.83 10.53
CA LEU A 189 24.69 21.80 11.53
C LEU A 189 26.13 22.29 11.32
N ASP A 190 27.01 21.46 10.79
CA ASP A 190 28.36 21.92 10.50
C ASP A 190 28.58 22.22 9.01
N GLU A 191 27.51 22.21 8.22
CA GLU A 191 27.52 22.67 6.83
C GLU A 191 28.47 21.88 5.95
N THR A 192 28.77 20.64 6.30
CA THR A 192 29.56 19.73 5.48
C THR A 192 28.71 18.82 4.59
N ILE A 193 27.39 18.87 4.71
CA ILE A 193 26.51 18.08 3.85
C ILE A 193 26.85 18.32 2.39
N GLN A 194 26.82 17.25 1.60
CA GLN A 194 27.10 17.33 0.16
C GLN A 194 25.79 17.65 -0.52
N VAL A 195 25.56 18.95 -0.72
CA VAL A 195 24.24 19.43 -1.15
C VAL A 195 23.84 18.95 -2.53
N ASP A 196 24.79 18.47 -3.31
CA ASP A 196 24.55 18.08 -4.69
C ASP A 196 24.36 16.59 -4.85
N CYS A 197 24.27 15.82 -3.76
N CYS A 197 24.29 15.83 -3.76
CA CYS A 197 24.15 14.37 -3.82
CA CYS A 197 24.14 14.37 -3.80
C CYS A 197 22.84 13.97 -3.15
C CYS A 197 22.81 14.01 -3.16
N PHE A 198 21.98 13.28 -3.90
CA PHE A 198 20.67 12.90 -3.37
C PHE A 198 20.83 12.03 -2.12
N ASP A 199 21.83 11.14 -2.11
CA ASP A 199 21.98 10.24 -0.96
C ASP A 199 22.14 11.01 0.34
N SER A 200 22.67 12.25 0.27
CA SER A 200 22.84 13.05 1.47
C SER A 200 21.50 13.38 2.13
N TYR A 201 20.48 13.64 1.33
CA TYR A 201 19.17 13.97 1.89
C TYR A 201 18.51 12.72 2.46
N LYS A 202 18.72 11.57 1.85
CA LYS A 202 18.21 10.35 2.46
C LYS A 202 18.84 10.12 3.82
N ARG A 203 20.15 10.36 3.92
CA ARG A 203 20.80 10.13 5.22
C ARG A 203 20.35 11.13 6.25
N VAL A 204 20.04 12.36 5.82
CA VAL A 204 19.41 13.32 6.73
C VAL A 204 18.08 12.79 7.27
N ASP A 205 17.26 12.19 6.39
CA ASP A 205 16.02 11.56 6.85
C ASP A 205 16.26 10.48 7.88
N ILE A 206 17.29 9.66 7.68
CA ILE A 206 17.56 8.52 8.56
C ILE A 206 17.93 8.99 9.97
N TRP A 207 18.74 10.04 10.04
CA TRP A 207 19.04 10.66 11.32
C TRP A 207 17.76 11.04 12.06
N ALA A 208 16.87 11.74 11.36
CA ALA A 208 15.66 12.22 12.00
C ALA A 208 14.79 11.07 12.42
N PHE A 209 14.73 10.03 11.59
CA PHE A 209 13.98 8.82 11.93
C PHE A 209 14.48 8.20 13.23
N GLY A 210 15.81 8.08 13.37
CA GLY A 210 16.37 7.59 14.63
C GLY A 210 15.91 8.35 15.85
N LEU A 211 15.79 9.66 15.74
CA LEU A 211 15.29 10.49 16.83
C LEU A 211 13.83 10.18 17.13
N VAL A 212 12.97 10.07 16.10
CA VAL A 212 11.57 9.71 16.30
C VAL A 212 11.47 8.33 16.94
N LEU A 213 12.29 7.39 16.49
CA LEU A 213 12.35 6.05 17.08
C LEU A 213 12.57 6.14 18.58
N TRP A 214 13.55 6.96 19.01
CA TRP A 214 13.82 7.17 20.42
C TRP A 214 12.61 7.74 21.16
N GLU A 215 11.98 8.78 20.57
CA GLU A 215 10.79 9.37 21.15
C GLU A 215 9.71 8.33 21.41
N VAL A 216 9.51 7.41 20.47
CA VAL A 216 8.44 6.43 20.59
C VAL A 216 8.80 5.34 21.59
N ALA A 217 9.98 4.75 21.43
CA ALA A 217 10.44 3.67 22.32
C ALA A 217 10.34 4.05 23.78
N ARG A 218 10.63 5.31 24.11
CA ARG A 218 10.53 5.75 25.49
C ARG A 218 9.17 5.48 26.09
N ARG A 219 8.12 5.48 25.24
CA ARG A 219 6.75 5.39 25.70
C ARG A 219 6.23 3.96 25.70
N MET A 220 7.06 2.98 25.30
CA MET A 220 6.66 1.58 25.36
C MET A 220 6.96 1.07 26.77
N VAL A 221 5.93 0.52 27.42
CA VAL A 221 6.09 0.00 28.77
C VAL A 221 6.88 -1.30 28.75
N SER A 222 7.73 -1.51 29.73
CA SER A 222 8.30 -2.83 29.92
C SER A 222 8.50 -3.06 31.42
N ASN A 223 8.09 -4.23 31.89
CA ASN A 223 8.21 -4.54 33.33
C ASN A 223 7.66 -3.39 34.18
N GLY A 224 6.51 -2.84 33.75
CA GLY A 224 5.84 -1.82 34.53
C GLY A 224 6.48 -0.45 34.53
N ILE A 225 7.51 -0.22 33.68
CA ILE A 225 8.29 1.01 33.69
C ILE A 225 8.17 1.69 32.32
N VAL A 226 8.07 3.02 32.34
CA VAL A 226 7.99 3.82 31.13
C VAL A 226 8.65 5.16 31.43
N GLU A 227 9.15 5.84 30.38
CA GLU A 227 9.68 7.19 30.48
C GLU A 227 8.60 8.20 30.08
N ASP A 228 8.69 9.39 30.65
CA ASP A 228 7.85 10.48 30.22
C ASP A 228 8.14 10.79 28.75
N TYR A 229 7.13 11.32 28.05
CA TYR A 229 7.41 11.82 26.71
C TYR A 229 8.38 13.00 26.82
N LYS A 230 9.40 13.00 25.97
CA LYS A 230 10.34 14.11 25.85
C LYS A 230 10.74 14.22 24.40
N PRO A 231 11.02 15.41 23.91
CA PRO A 231 11.59 15.56 22.59
C PRO A 231 13.09 15.27 22.63
N PRO A 232 13.69 14.93 21.50
CA PRO A 232 15.12 14.64 21.50
C PRO A 232 15.89 15.82 22.05
N PHE A 233 16.93 15.51 22.85
CA PHE A 233 17.87 16.49 23.38
C PHE A 233 17.22 17.42 24.40
N TYR A 234 16.07 17.02 24.95
CA TYR A 234 15.37 17.84 25.93
C TYR A 234 16.23 18.24 27.11
N ASP A 235 17.23 17.41 27.46
CA ASP A 235 18.05 17.57 28.65
C ASP A 235 19.31 18.40 28.44
N VAL A 236 19.63 18.77 27.20
CA VAL A 236 20.93 19.37 26.93
C VAL A 236 20.82 20.64 26.11
N VAL A 237 19.65 20.97 25.60
CA VAL A 237 19.48 22.27 24.94
C VAL A 237 18.22 22.93 25.46
N PRO A 238 18.13 24.26 25.33
CA PRO A 238 16.91 24.97 25.72
C PRO A 238 15.75 24.65 24.79
N ASN A 239 14.53 24.96 25.26
CA ASN A 239 13.39 25.02 24.35
C ASN A 239 13.70 26.01 23.23
N ASP A 240 13.21 25.75 22.04
CA ASP A 240 13.49 26.59 20.90
C ASP A 240 15.01 26.76 20.75
N PRO A 241 15.76 25.65 20.65
CA PRO A 241 17.22 25.75 20.54
C PRO A 241 17.64 26.44 19.26
N SER A 242 18.76 27.16 19.36
CA SER A 242 19.32 27.78 18.19
C SER A 242 20.13 26.77 17.38
N PHE A 243 20.41 27.18 16.14
CA PHE A 243 21.30 26.43 15.27
C PHE A 243 22.63 26.18 15.94
N GLU A 244 23.17 27.19 16.61
CA GLU A 244 24.48 27.05 17.24
C GLU A 244 24.38 26.24 18.53
N ASP A 245 23.26 26.33 19.26
CA ASP A 245 23.02 25.41 20.37
C ASP A 245 23.11 23.97 19.89
N MET A 246 22.48 23.69 18.74
CA MET A 246 22.42 22.31 18.28
C MET A 246 23.78 21.83 17.78
N ARG A 247 24.49 22.71 17.06
CA ARG A 247 25.81 22.36 16.53
C ARG A 247 26.76 22.01 17.67
N LYS A 248 26.73 22.79 18.75
CA LYS A 248 27.58 22.54 19.90
C LYS A 248 27.33 21.16 20.49
N VAL A 249 26.04 20.80 20.66
CA VAL A 249 25.67 19.53 21.30
C VAL A 249 25.90 18.35 20.37
N VAL A 250 25.47 18.46 19.12
CA VAL A 250 25.49 17.30 18.24
C VAL A 250 26.84 17.13 17.54
N CYS A 251 27.47 18.20 17.06
CA CYS A 251 28.70 18.07 16.30
C CYS A 251 29.93 18.13 17.21
N VAL A 252 30.03 19.19 18.01
CA VAL A 252 31.22 19.40 18.84
C VAL A 252 31.30 18.37 19.96
N ASP A 253 30.24 18.28 20.79
CA ASP A 253 30.21 17.39 21.94
C ASP A 253 29.79 15.96 21.59
N GLN A 254 29.28 15.74 20.39
CA GLN A 254 28.93 14.41 19.89
C GLN A 254 27.91 13.71 20.77
N GLN A 255 26.98 14.46 21.36
CA GLN A 255 25.97 13.90 22.23
C GLN A 255 24.90 13.20 21.42
N ARG A 256 24.34 12.14 21.99
CA ARG A 256 23.18 11.50 21.39
C ARG A 256 22.20 11.15 22.50
N PRO A 257 20.90 11.04 22.17
CA PRO A 257 19.91 10.68 23.19
C PRO A 257 20.30 9.43 23.97
N ASN A 258 20.06 9.48 25.28
CA ASN A 258 20.45 8.40 26.17
C ASN A 258 19.48 7.23 26.11
N ILE A 259 20.03 6.02 26.19
CA ILE A 259 19.24 4.80 26.16
C ILE A 259 18.97 4.38 27.60
N PRO A 260 17.71 4.31 28.04
CA PRO A 260 17.44 3.83 29.41
C PRO A 260 17.88 2.39 29.59
N ASN A 261 18.45 2.09 30.76
CA ASN A 261 18.92 0.75 31.00
C ASN A 261 17.79 -0.27 31.04
N ARG A 262 16.60 0.15 31.52
CA ARG A 262 15.48 -0.78 31.59
C ARG A 262 15.13 -1.34 30.22
N TRP A 263 15.58 -0.70 29.13
CA TRP A 263 15.31 -1.24 27.80
C TRP A 263 16.02 -2.57 27.55
N PHE A 264 17.17 -2.78 28.18
CA PHE A 264 17.91 -4.02 27.93
C PHE A 264 17.28 -5.24 28.62
N SER A 265 16.22 -5.07 29.40
CA SER A 265 15.45 -6.21 29.86
C SER A 265 14.33 -6.60 28.91
N ASP A 266 14.05 -5.78 27.89
CA ASP A 266 13.04 -6.15 26.91
C ASP A 266 13.69 -6.36 25.56
N PRO A 267 13.41 -7.50 24.90
CA PRO A 267 14.11 -7.77 23.64
C PRO A 267 13.75 -6.80 22.54
N THR A 268 12.51 -6.30 22.53
CA THR A 268 12.12 -5.37 21.49
C THR A 268 12.87 -4.05 21.62
N LEU A 269 12.86 -3.48 22.83
CA LEU A 269 13.54 -2.21 23.06
C LEU A 269 15.05 -2.35 22.90
N THR A 270 15.64 -3.51 23.24
CA THR A 270 17.06 -3.72 22.99
C THR A 270 17.36 -3.65 21.51
N SER A 271 16.49 -4.25 20.69
CA SER A 271 16.64 -4.21 19.24
C SER A 271 16.44 -2.80 18.68
N LEU A 272 15.44 -2.07 19.17
CA LEU A 272 15.25 -0.70 18.68
C LEU A 272 16.42 0.18 19.10
N ALA A 273 16.95 -0.04 20.31
CA ALA A 273 18.13 0.73 20.72
C ALA A 273 19.29 0.53 19.74
N LYS A 274 19.55 -0.70 19.33
CA LYS A 274 20.60 -0.94 18.34
C LYS A 274 20.29 -0.23 17.03
N LEU A 275 19.01 -0.25 16.64
CA LEU A 275 18.63 0.35 15.35
C LEU A 275 18.84 1.85 15.36
N MET A 276 18.37 2.52 16.41
CA MET A 276 18.45 3.97 16.43
C MET A 276 19.89 4.45 16.55
N LYS A 277 20.75 3.73 17.26
CA LYS A 277 22.16 4.16 17.29
C LYS A 277 22.80 4.04 15.93
N GLU A 278 22.32 3.14 15.08
CA GLU A 278 22.86 3.00 13.74
C GLU A 278 22.26 4.01 12.79
N CYS A 279 21.31 4.83 13.23
CA CYS A 279 20.87 6.00 12.49
C CYS A 279 21.66 7.24 12.84
N TRP A 280 22.47 7.19 13.89
CA TRP A 280 23.02 8.39 14.50
C TRP A 280 24.52 8.50 14.29
N TYR A 281 25.10 7.72 13.39
CA TYR A 281 26.52 7.89 13.11
C TYR A 281 26.79 9.31 12.64
N GLN A 282 27.84 9.95 13.18
CA GLN A 282 28.29 11.23 12.63
C GLN A 282 28.56 11.13 11.13
N ASN A 283 29.17 10.04 10.70
CA ASN A 283 29.45 9.78 9.30
C ASN A 283 28.19 9.37 8.55
N PRO A 284 27.66 10.20 7.67
CA PRO A 284 26.35 9.90 7.10
C PRO A 284 26.30 8.57 6.37
N SER A 285 27.39 8.20 5.68
CA SER A 285 27.35 7.00 4.87
C SER A 285 27.37 5.74 5.69
N ALA A 286 27.58 5.82 6.99
CA ALA A 286 27.53 4.64 7.86
C ALA A 286 26.12 4.31 8.35
N ARG A 287 25.15 5.19 8.16
CA ARG A 287 23.81 4.96 8.65
C ARG A 287 23.11 3.87 7.84
N LEU A 288 22.20 3.14 8.52
CA LEU A 288 21.31 2.21 7.84
C LEU A 288 20.46 2.94 6.81
N THR A 289 19.99 2.20 5.81
CA THR A 289 19.00 2.69 4.86
C THR A 289 17.58 2.42 5.40
N ALA A 290 16.61 3.15 4.84
CA ALA A 290 15.24 3.00 5.30
C ALA A 290 14.73 1.58 5.09
N LEU A 291 15.08 0.99 3.95
CA LEU A 291 14.69 -0.37 3.63
C LEU A 291 15.30 -1.36 4.60
N ARG A 292 16.57 -1.19 4.95
CA ARG A 292 17.18 -2.07 5.94
C ARG A 292 16.49 -1.93 7.29
N ILE A 293 16.15 -0.72 7.70
CA ILE A 293 15.38 -0.55 8.92
C ILE A 293 14.05 -1.28 8.81
N LYS A 294 13.36 -1.09 7.68
CA LYS A 294 12.08 -1.76 7.47
C LYS A 294 12.23 -3.28 7.61
N LYS A 295 13.20 -3.85 6.88
CA LYS A 295 13.44 -5.29 6.97
C LYS A 295 13.69 -5.71 8.41
N THR A 296 14.57 -4.98 9.09
CA THR A 296 14.90 -5.31 10.48
C THR A 296 13.65 -5.29 11.37
N LEU A 297 12.79 -4.29 11.17
CA LEU A 297 11.60 -4.18 12.00
C LEU A 297 10.52 -5.17 11.61
N THR A 298 10.56 -5.68 10.38
CA THR A 298 9.62 -6.72 10.00
C THR A 298 9.95 -8.03 10.72
N LYS A 299 11.21 -8.21 11.10
CA LYS A 299 11.67 -9.43 11.76
C LYS A 299 11.50 -9.41 13.28
N ILE A 300 11.65 -8.25 13.92
CA ILE A 300 11.52 -8.14 15.38
C ILE A 300 10.18 -8.75 15.78
N THR B 5 14.51 0.28 -24.37
CA THR B 5 13.34 -0.42 -23.84
C THR B 5 13.71 -1.56 -22.92
N VAL B 6 12.77 -1.89 -22.03
CA VAL B 6 13.00 -3.00 -21.10
C VAL B 6 13.11 -4.31 -21.86
N ALA B 7 12.30 -4.49 -22.92
CA ALA B 7 12.21 -5.80 -23.55
C ALA B 7 13.53 -6.19 -24.19
N ARG B 8 14.29 -5.21 -24.68
CA ARG B 8 15.54 -5.53 -25.35
C ARG B 8 16.64 -5.84 -24.35
N ASP B 9 16.49 -5.42 -23.10
CA ASP B 9 17.44 -5.72 -22.04
C ASP B 9 17.09 -6.99 -21.27
N ILE B 10 16.05 -7.71 -21.66
CA ILE B 10 15.60 -8.88 -20.93
C ILE B 10 16.18 -10.13 -21.56
N THR B 11 16.70 -11.01 -20.72
CA THR B 11 17.09 -12.36 -21.11
C THR B 11 15.95 -13.30 -20.68
N LEU B 12 15.30 -13.96 -21.63
CA LEU B 12 14.29 -14.96 -21.26
C LEU B 12 15.00 -16.20 -20.75
N LEU B 13 14.55 -16.74 -19.63
CA LEU B 13 15.26 -17.88 -19.05
C LEU B 13 14.45 -19.16 -18.96
N GLU B 14 13.16 -19.09 -18.61
CA GLU B 14 12.38 -20.32 -18.55
C GLU B 14 10.90 -20.00 -18.65
N CYS B 15 10.19 -20.86 -19.33
CA CYS B 15 8.75 -20.80 -19.42
C CYS B 15 8.15 -21.38 -18.15
N VAL B 16 7.34 -20.59 -17.45
CA VAL B 16 6.68 -21.04 -16.23
C VAL B 16 5.18 -21.21 -16.41
N GLY B 17 4.65 -20.91 -17.58
CA GLY B 17 3.24 -21.14 -17.83
C GLY B 17 2.84 -20.99 -19.29
N LYS B 18 1.83 -21.76 -19.72
CA LYS B 18 1.34 -21.68 -21.09
C LYS B 18 -0.16 -21.88 -21.03
N GLY B 19 -0.88 -21.14 -21.86
CA GLY B 19 -2.32 -21.27 -21.89
C GLY B 19 -2.91 -20.54 -23.07
N ARG B 20 -4.24 -20.45 -23.05
CA ARG B 20 -4.91 -19.76 -24.13
C ARG B 20 -4.47 -18.32 -24.24
N TYR B 21 -4.07 -17.73 -23.11
CA TYR B 21 -3.59 -16.35 -23.06
C TYR B 21 -2.24 -16.18 -23.73
N GLY B 22 -1.48 -17.25 -23.93
CA GLY B 22 -0.12 -17.18 -24.39
C GLY B 22 0.82 -17.89 -23.46
N GLU B 23 1.93 -17.25 -23.09
CA GLU B 23 2.94 -17.87 -22.26
C GLU B 23 3.46 -16.87 -21.24
N VAL B 24 3.94 -17.38 -20.10
CA VAL B 24 4.60 -16.54 -19.12
C VAL B 24 6.03 -17.05 -18.95
N TRP B 25 7.00 -16.14 -19.02
CA TRP B 25 8.42 -16.47 -18.91
C TRP B 25 9.05 -15.81 -17.70
N ARG B 26 9.92 -16.55 -17.00
CA ARG B 26 10.84 -15.90 -16.07
C ARG B 26 12.00 -15.34 -16.88
N GLY B 27 12.25 -14.03 -16.73
CA GLY B 27 13.37 -13.40 -17.40
C GLY B 27 14.24 -12.65 -16.40
N SER B 28 15.37 -12.20 -16.88
CA SER B 28 16.32 -11.42 -16.12
C SER B 28 16.38 -10.03 -16.72
N TRP B 29 16.18 -9.01 -15.89
CA TRP B 29 16.33 -7.63 -16.31
C TRP B 29 17.12 -6.89 -15.26
N GLN B 30 18.26 -6.32 -15.67
CA GLN B 30 19.14 -5.63 -14.75
C GLN B 30 19.50 -6.53 -13.57
N GLY B 31 19.75 -7.80 -13.88
CA GLY B 31 20.12 -8.78 -12.88
C GLY B 31 19.02 -9.25 -11.92
N GLU B 32 17.75 -8.92 -12.16
CA GLU B 32 16.63 -9.32 -11.30
C GLU B 32 15.60 -10.10 -12.10
N ASN B 33 14.88 -10.99 -11.42
CA ASN B 33 13.81 -11.74 -12.08
C ASN B 33 12.64 -10.82 -12.43
N VAL B 34 12.09 -11.00 -13.63
CA VAL B 34 10.86 -10.35 -14.07
C VAL B 34 9.97 -11.44 -14.64
N ALA B 35 8.66 -11.22 -14.62
CA ALA B 35 7.71 -12.03 -15.35
C ALA B 35 7.43 -11.37 -16.68
N VAL B 36 7.48 -12.14 -17.77
CA VAL B 36 7.15 -11.64 -19.10
C VAL B 36 5.96 -12.46 -19.61
N LYS B 37 4.84 -11.83 -19.71
CA LYS B 37 3.66 -12.48 -20.27
C LYS B 37 3.59 -12.11 -21.75
N ILE B 38 3.68 -13.12 -22.59
CA ILE B 38 3.70 -12.97 -24.03
C ILE B 38 2.35 -13.40 -24.55
N PHE B 39 1.59 -12.48 -25.13
CA PHE B 39 0.19 -12.78 -25.41
C PHE B 39 0.03 -13.56 -26.72
N SER B 40 -0.93 -14.48 -26.72
CA SER B 40 -1.34 -15.18 -27.91
C SER B 40 -2.01 -14.21 -28.89
N SER B 41 -2.05 -14.62 -30.17
CA SER B 41 -2.88 -13.90 -31.14
C SER B 41 -4.33 -13.82 -30.68
N ARG B 42 -4.84 -14.90 -30.07
CA ARG B 42 -6.23 -14.91 -29.63
C ARG B 42 -6.51 -13.81 -28.61
N ASP B 43 -5.54 -13.44 -27.78
CA ASP B 43 -5.78 -12.55 -26.65
C ASP B 43 -5.08 -11.19 -26.75
N GLU B 44 -4.83 -10.70 -27.98
CA GLU B 44 -4.10 -9.44 -28.12
C GLU B 44 -4.84 -8.28 -27.46
N LYS B 45 -6.17 -8.30 -27.50
CA LYS B 45 -6.95 -7.21 -26.93
C LYS B 45 -6.79 -7.12 -25.41
N SER B 46 -6.51 -8.23 -24.71
CA SER B 46 -6.23 -8.10 -23.30
C SER B 46 -4.92 -7.35 -23.04
N TRP B 47 -3.91 -7.59 -23.89
CA TRP B 47 -2.67 -6.81 -23.79
C TRP B 47 -2.96 -5.32 -23.94
N PHE B 48 -3.77 -4.97 -24.95
CA PHE B 48 -4.07 -3.59 -25.20
C PHE B 48 -4.80 -2.95 -24.02
N ARG B 49 -5.87 -3.58 -23.54
CA ARG B 49 -6.61 -3.01 -22.41
C ARG B 49 -5.70 -2.85 -21.19
N GLU B 50 -4.94 -3.89 -20.84
CA GLU B 50 -4.12 -3.82 -19.66
C GLU B 50 -3.07 -2.73 -19.80
N THR B 51 -2.50 -2.59 -21.01
CA THR B 51 -1.48 -1.58 -21.25
C THR B 51 -2.07 -0.19 -21.10
N GLU B 52 -3.28 0.03 -21.62
CA GLU B 52 -3.87 1.35 -21.52
C GLU B 52 -4.20 1.67 -20.06
N LEU B 53 -4.72 0.68 -19.32
CA LEU B 53 -4.94 0.88 -17.89
C LEU B 53 -3.66 1.34 -17.18
N TYR B 54 -2.54 0.62 -17.35
CA TYR B 54 -1.32 0.97 -16.62
C TYR B 54 -0.73 2.30 -17.10
N ASN B 55 -1.09 2.77 -18.30
CA ASN B 55 -0.63 4.06 -18.76
C ASN B 55 -1.52 5.21 -18.34
N THR B 56 -2.70 4.95 -17.83
CA THR B 56 -3.63 6.04 -17.57
C THR B 56 -4.18 6.06 -16.16
N VAL B 57 -4.15 4.96 -15.42
CA VAL B 57 -4.73 4.89 -14.09
C VAL B 57 -3.65 4.59 -13.07
N MET B 58 -3.65 5.35 -12.00
CA MET B 58 -2.73 5.17 -10.87
C MET B 58 -3.26 4.01 -10.04
N LEU B 59 -2.63 2.86 -10.19
CA LEU B 59 -3.20 1.60 -9.71
C LEU B 59 -2.33 0.87 -8.70
N ARG B 60 -1.11 1.33 -8.46
CA ARG B 60 -0.14 0.63 -7.64
C ARG B 60 -0.67 0.34 -6.25
N HIS B 61 -0.43 -0.88 -5.78
CA HIS B 61 -0.95 -1.34 -4.50
C HIS B 61 -0.21 -2.60 -4.11
N GLU B 62 -0.02 -2.77 -2.80
CA GLU B 62 0.64 -3.96 -2.28
C GLU B 62 0.10 -5.25 -2.87
N ASN B 63 -1.21 -5.32 -3.10
CA ASN B 63 -1.89 -6.54 -3.51
C ASN B 63 -2.40 -6.49 -4.95
N ILE B 64 -1.75 -5.69 -5.78
CA ILE B 64 -1.92 -5.67 -7.24
C ILE B 64 -0.55 -5.95 -7.84
N LEU B 65 -0.46 -6.93 -8.75
CA LEU B 65 0.83 -7.34 -9.29
C LEU B 65 1.58 -6.15 -9.87
N GLY B 66 2.85 -6.01 -9.48
CA GLY B 66 3.59 -4.79 -9.84
C GLY B 66 3.95 -4.71 -11.33
N PHE B 67 3.64 -3.58 -11.95
CA PHE B 67 3.83 -3.40 -13.39
C PHE B 67 5.18 -2.76 -13.66
N ILE B 68 5.90 -3.25 -14.63
CA ILE B 68 7.16 -2.66 -15.10
C ILE B 68 7.00 -1.94 -16.40
N ALA B 69 6.61 -2.68 -17.46
CA ALA B 69 6.46 -2.06 -18.76
C ALA B 69 5.69 -2.94 -19.70
N SER B 70 5.13 -2.32 -20.73
CA SER B 70 4.46 -3.01 -21.81
C SER B 70 5.15 -2.65 -23.12
N ASP B 71 5.36 -3.64 -23.97
CA ASP B 71 6.17 -3.40 -25.15
C ASP B 71 5.70 -4.31 -26.26
N MET B 72 5.88 -3.83 -27.50
CA MET B 72 5.76 -4.64 -28.70
C MET B 72 7.17 -4.91 -29.20
N THR B 73 7.57 -6.17 -29.25
CA THR B 73 8.94 -6.55 -29.59
C THR B 73 8.95 -7.35 -30.88
N SER B 74 10.14 -7.60 -31.43
CA SER B 74 10.26 -8.14 -32.79
C SER B 74 10.76 -9.58 -32.88
N THR B 79 6.84 -10.48 -34.49
CA THR B 79 6.59 -9.51 -33.43
C THR B 79 5.65 -10.04 -32.34
N GLN B 80 5.88 -9.61 -31.11
CA GLN B 80 5.18 -10.16 -29.95
C GLN B 80 4.74 -9.03 -29.03
N LEU B 81 3.69 -9.29 -28.26
CA LEU B 81 3.20 -8.33 -27.27
C LEU B 81 3.60 -8.82 -25.89
N TRP B 82 4.36 -7.99 -25.16
CA TRP B 82 4.93 -8.35 -23.87
C TRP B 82 4.34 -7.48 -22.78
N LEU B 83 3.92 -8.10 -21.69
CA LEU B 83 3.55 -7.39 -20.48
C LEU B 83 4.56 -7.83 -19.42
N ILE B 84 5.36 -6.90 -18.93
CA ILE B 84 6.48 -7.21 -18.06
C ILE B 84 6.13 -6.74 -16.66
N THR B 85 6.23 -7.68 -15.69
CA THR B 85 5.83 -7.38 -14.34
C THR B 85 6.83 -7.95 -13.34
N HIS B 86 6.62 -7.63 -12.06
CA HIS B 86 7.38 -8.30 -11.02
C HIS B 86 7.17 -9.79 -11.11
N TYR B 87 8.15 -10.52 -10.58
CA TYR B 87 8.15 -11.97 -10.57
C TYR B 87 7.95 -12.51 -9.17
N HIS B 88 7.10 -13.52 -9.04
CA HIS B 88 6.86 -14.17 -7.77
C HIS B 88 7.15 -15.66 -7.94
N GLU B 89 8.27 -16.11 -7.35
CA GLU B 89 8.77 -17.44 -7.69
C GLU B 89 7.82 -18.56 -7.30
N MET B 90 6.94 -18.34 -6.34
CA MET B 90 6.03 -19.41 -5.96
C MET B 90 4.80 -19.50 -6.84
N GLY B 91 4.69 -18.62 -7.82
CA GLY B 91 3.65 -18.74 -8.81
C GLY B 91 2.28 -18.34 -8.29
N SER B 92 1.27 -18.90 -8.95
CA SER B 92 -0.08 -18.51 -8.63
C SER B 92 -0.59 -19.27 -7.40
N LEU B 93 -1.68 -18.76 -6.84
CA LEU B 93 -2.38 -19.44 -5.76
C LEU B 93 -2.72 -20.87 -6.16
N TYR B 94 -3.21 -21.07 -7.38
CA TYR B 94 -3.43 -22.41 -7.91
C TYR B 94 -2.19 -23.29 -7.76
N ASP B 95 -1.02 -22.79 -8.14
CA ASP B 95 0.21 -23.59 -8.01
C ASP B 95 0.55 -23.84 -6.54
N TYR B 96 0.50 -22.79 -5.73
CA TYR B 96 0.98 -22.83 -4.36
C TYR B 96 0.13 -23.73 -3.50
N LEU B 97 -1.19 -23.65 -3.68
CA LEU B 97 -2.12 -24.49 -2.93
C LEU B 97 -1.95 -25.97 -3.26
N GLN B 98 -1.37 -26.29 -4.41
CA GLN B 98 -1.17 -27.70 -4.72
C GLN B 98 0.02 -28.30 -4.00
N LEU B 99 1.03 -27.52 -3.65
CA LEU B 99 2.20 -28.12 -3.02
C LEU B 99 2.29 -27.90 -1.51
N THR B 100 1.34 -27.18 -0.91
CA THR B 100 1.40 -27.06 0.54
C THR B 100 0.04 -26.87 1.14
N THR B 101 -0.04 -27.17 2.43
CA THR B 101 -1.19 -26.87 3.26
C THR B 101 -0.89 -25.61 4.07
N LEU B 102 -1.95 -25.08 4.67
CA LEU B 102 -1.94 -23.80 5.35
C LEU B 102 -2.34 -23.97 6.80
N ASP B 103 -1.94 -23.01 7.63
CA ASP B 103 -2.43 -22.88 9.01
C ASP B 103 -3.26 -21.61 9.12
N THR B 104 -3.83 -21.40 10.29
CA THR B 104 -4.77 -20.30 10.48
C THR B 104 -4.18 -18.97 10.02
N VAL B 105 -2.93 -18.69 10.42
CA VAL B 105 -2.35 -17.38 10.14
C VAL B 105 -2.06 -17.20 8.66
N SER B 106 -1.56 -18.25 8.00
CA SER B 106 -1.22 -18.11 6.60
C SER B 106 -2.46 -18.15 5.70
N CYS B 107 -3.49 -18.88 6.13
CA CYS B 107 -4.75 -18.85 5.40
C CYS B 107 -5.38 -17.47 5.47
N LEU B 108 -5.46 -16.90 6.68
CA LEU B 108 -6.08 -15.57 6.78
C LEU B 108 -5.28 -14.51 6.02
N ARG B 109 -3.96 -14.62 6.02
CA ARG B 109 -3.12 -13.63 5.36
C ARG B 109 -3.35 -13.64 3.85
N ILE B 110 -3.49 -14.84 3.27
CA ILE B 110 -3.86 -14.96 1.86
C ILE B 110 -5.21 -14.28 1.59
N VAL B 111 -6.27 -14.73 2.28
CA VAL B 111 -7.59 -14.26 1.90
C VAL B 111 -7.73 -12.78 2.22
N LEU B 112 -7.14 -12.32 3.31
CA LEU B 112 -7.27 -10.89 3.61
C LEU B 112 -6.56 -10.05 2.56
N SER B 113 -5.41 -10.52 2.05
CA SER B 113 -4.70 -9.71 1.08
C SER B 113 -5.43 -9.67 -0.25
N ILE B 114 -6.13 -10.76 -0.62
CA ILE B 114 -6.93 -10.73 -1.83
C ILE B 114 -8.07 -9.75 -1.68
N ALA B 115 -8.75 -9.75 -0.54
CA ALA B 115 -9.87 -8.84 -0.32
C ALA B 115 -9.40 -7.39 -0.35
N SER B 116 -8.18 -7.17 0.13
CA SER B 116 -7.66 -5.82 0.18
C SER B 116 -7.27 -5.34 -1.21
N GLY B 117 -6.73 -6.23 -2.04
CA GLY B 117 -6.53 -5.87 -3.43
C GLY B 117 -7.82 -5.62 -4.18
N LEU B 118 -8.83 -6.47 -3.96
CA LEU B 118 -10.09 -6.34 -4.67
C LEU B 118 -10.81 -5.07 -4.23
N ALA B 119 -10.89 -4.84 -2.93
CA ALA B 119 -11.48 -3.59 -2.46
C ALA B 119 -10.78 -2.38 -3.04
N HIS B 120 -9.44 -2.45 -3.15
CA HIS B 120 -8.70 -1.34 -3.76
C HIS B 120 -9.10 -1.13 -5.22
N LEU B 121 -9.28 -2.21 -5.99
CA LEU B 121 -9.80 -2.04 -7.34
C LEU B 121 -11.18 -1.40 -7.32
N HIS B 122 -12.08 -1.95 -6.52
CA HIS B 122 -13.49 -1.60 -6.58
C HIS B 122 -13.78 -0.15 -6.19
N ILE B 123 -12.97 0.44 -5.34
CA ILE B 123 -13.31 1.71 -4.71
C ILE B 123 -12.75 2.87 -5.52
N GLU B 124 -13.60 3.85 -5.84
CA GLU B 124 -13.13 5.06 -6.51
C GLU B 124 -12.47 5.98 -5.49
N ILE B 125 -11.37 6.59 -5.89
CA ILE B 125 -10.61 7.51 -5.05
C ILE B 125 -10.56 8.84 -5.78
N PHE B 126 -10.96 9.92 -5.10
CA PHE B 126 -11.01 11.25 -5.69
C PHE B 126 -9.63 11.85 -5.83
N GLY B 127 -9.49 12.72 -6.84
CA GLY B 127 -8.37 13.62 -6.94
C GLY B 127 -7.18 13.05 -7.69
N THR B 128 -6.11 13.85 -7.71
CA THR B 128 -4.98 13.50 -8.55
C THR B 128 -4.17 12.33 -8.02
N GLN B 129 -4.36 11.90 -6.77
CA GLN B 129 -3.75 10.67 -6.29
C GLN B 129 -4.76 9.53 -6.31
N GLY B 130 -5.84 9.71 -7.05
CA GLY B 130 -6.96 8.82 -7.03
C GLY B 130 -6.99 7.87 -8.21
N LYS B 131 -8.16 7.31 -8.46
CA LYS B 131 -8.38 6.30 -9.48
C LYS B 131 -9.88 6.14 -9.67
N PRO B 132 -10.34 5.82 -10.88
CA PRO B 132 -11.72 5.35 -11.04
C PRO B 132 -11.92 4.02 -10.32
N ALA B 133 -13.20 3.66 -10.16
CA ALA B 133 -13.56 2.33 -9.72
C ALA B 133 -13.27 1.33 -10.82
N ILE B 134 -12.83 0.13 -10.45
CA ILE B 134 -12.41 -0.89 -11.41
C ILE B 134 -12.94 -2.24 -10.98
N ALA B 135 -13.58 -2.96 -11.90
CA ALA B 135 -13.98 -4.35 -11.68
C ALA B 135 -13.12 -5.24 -12.56
N HIS B 136 -12.72 -6.40 -12.02
CA HIS B 136 -11.71 -7.24 -12.66
C HIS B 136 -12.32 -8.11 -13.76
N ARG B 137 -13.40 -8.83 -13.44
CA ARG B 137 -14.22 -9.66 -14.30
C ARG B 137 -13.60 -11.02 -14.64
N ASP B 138 -12.40 -11.35 -14.16
CA ASP B 138 -11.89 -12.70 -14.39
C ASP B 138 -10.99 -13.14 -13.25
N LEU B 139 -11.38 -12.84 -12.01
CA LEU B 139 -10.63 -13.31 -10.85
C LEU B 139 -10.66 -14.82 -10.77
N LYS B 140 -9.50 -15.43 -10.46
CA LYS B 140 -9.41 -16.88 -10.30
C LYS B 140 -8.09 -17.20 -9.59
N SER B 141 -7.94 -18.44 -9.14
CA SER B 141 -6.72 -18.78 -8.40
C SER B 141 -5.48 -18.70 -9.30
N LYS B 142 -5.65 -18.83 -10.63
CA LYS B 142 -4.52 -18.87 -11.53
C LYS B 142 -3.95 -17.50 -11.87
N ASN B 143 -4.66 -16.42 -11.54
CA ASN B 143 -4.11 -15.08 -11.78
C ASN B 143 -4.02 -14.28 -10.49
N ILE B 144 -3.85 -14.96 -9.37
CA ILE B 144 -3.48 -14.35 -8.11
C ILE B 144 -2.11 -14.93 -7.76
N LEU B 145 -1.14 -14.07 -7.51
CA LEU B 145 0.21 -14.50 -7.20
C LEU B 145 0.37 -14.57 -5.69
N VAL B 146 1.25 -15.47 -5.25
CA VAL B 146 1.60 -15.60 -3.84
C VAL B 146 3.04 -15.12 -3.66
N LYS B 147 3.25 -14.19 -2.74
CA LYS B 147 4.57 -13.71 -2.38
C LYS B 147 5.13 -14.50 -1.22
N LYS B 148 6.47 -14.50 -1.11
CA LYS B 148 7.11 -15.25 -0.04
C LYS B 148 6.73 -14.74 1.36
N ASN B 149 6.30 -13.48 1.49
CA ASN B 149 5.81 -13.04 2.79
C ASN B 149 4.41 -13.54 3.10
N GLY B 150 3.79 -14.30 2.20
CA GLY B 150 2.50 -14.89 2.46
C GLY B 150 1.31 -14.05 2.05
N GLN B 151 1.53 -12.82 1.62
CA GLN B 151 0.46 -12.05 0.98
C GLN B 151 0.37 -12.37 -0.50
N CYS B 152 -0.76 -12.01 -1.08
CA CYS B 152 -1.06 -12.24 -2.49
C CYS B 152 -1.14 -10.92 -3.24
N CYS B 153 -1.08 -11.00 -4.57
CA CYS B 153 -1.38 -9.86 -5.39
C CYS B 153 -2.15 -10.31 -6.63
N ILE B 154 -3.10 -9.49 -7.06
CA ILE B 154 -3.97 -9.81 -8.18
C ILE B 154 -3.33 -9.35 -9.49
N ALA B 155 -3.35 -10.22 -10.48
CA ALA B 155 -2.84 -9.88 -11.81
C ALA B 155 -3.98 -9.90 -12.86
N ASP B 156 -3.60 -9.63 -14.12
CA ASP B 156 -4.36 -9.98 -15.31
C ASP B 156 -5.60 -9.11 -15.44
N LEU B 157 -5.41 -7.83 -15.74
CA LEU B 157 -6.49 -6.86 -15.74
C LEU B 157 -7.03 -6.57 -17.14
N GLY B 158 -6.86 -7.51 -18.06
CA GLY B 158 -7.24 -7.30 -19.45
C GLY B 158 -8.72 -7.23 -19.73
N LEU B 159 -9.58 -7.73 -18.81
CA LEU B 159 -11.02 -7.60 -18.96
C LEU B 159 -11.62 -6.53 -18.07
N ALA B 160 -10.77 -5.76 -17.40
CA ALA B 160 -11.26 -4.82 -16.42
C ALA B 160 -12.20 -3.80 -17.05
N VAL B 161 -13.16 -3.35 -16.26
CA VAL B 161 -14.05 -2.25 -16.63
C VAL B 161 -13.94 -1.19 -15.56
N MET B 162 -14.15 0.04 -15.97
CA MET B 162 -13.93 1.19 -15.12
C MET B 162 -15.17 2.06 -15.06
N HIS B 163 -15.36 2.70 -13.91
CA HIS B 163 -16.50 3.58 -13.70
C HIS B 163 -16.08 4.81 -12.92
N SER B 164 -16.66 5.95 -13.28
CA SER B 164 -16.45 7.18 -12.52
C SER B 164 -17.82 7.70 -12.06
N GLN B 165 -18.03 7.75 -10.74
CA GLN B 165 -19.31 8.20 -10.20
C GLN B 165 -19.64 9.63 -10.64
N SER B 166 -18.64 10.51 -10.64
CA SER B 166 -18.89 11.92 -10.93
C SER B 166 -19.54 12.12 -12.30
N THR B 167 -18.98 11.52 -13.34
CA THR B 167 -19.53 11.62 -14.68
C THR B 167 -20.51 10.51 -15.04
N ASN B 168 -20.79 9.59 -14.11
CA ASN B 168 -21.50 8.35 -14.36
C ASN B 168 -21.17 7.76 -15.73
N GLN B 169 -19.87 7.54 -15.94
CA GLN B 169 -19.35 6.94 -17.16
C GLN B 169 -18.85 5.53 -16.90
N LEU B 170 -19.29 4.57 -17.71
CA LEU B 170 -18.97 3.15 -17.59
C LEU B 170 -18.14 2.75 -18.81
N ASP B 171 -16.92 2.27 -18.59
CA ASP B 171 -16.03 1.93 -19.68
C ASP B 171 -15.81 0.42 -19.67
N VAL B 172 -16.46 -0.28 -20.60
CA VAL B 172 -16.38 -1.73 -20.67
C VAL B 172 -15.36 -2.25 -21.69
N GLY B 173 -14.92 -1.42 -22.64
CA GLY B 173 -14.07 -1.93 -23.69
C GLY B 173 -14.83 -2.95 -24.52
N ASN B 174 -14.19 -3.44 -25.60
CA ASN B 174 -14.80 -4.44 -26.50
C ASN B 174 -13.76 -5.55 -26.64
N ASN B 175 -13.71 -6.41 -25.67
CA ASN B 175 -12.82 -7.54 -25.69
C ASN B 175 -13.62 -8.77 -26.01
N PRO B 176 -13.22 -9.58 -27.00
CA PRO B 176 -13.93 -10.84 -27.25
C PRO B 176 -13.79 -11.84 -26.11
N ARG B 177 -12.74 -11.72 -25.31
CA ARG B 177 -12.53 -12.58 -24.15
C ARG B 177 -13.71 -12.53 -23.18
N VAL B 178 -14.06 -13.69 -22.63
CA VAL B 178 -15.01 -13.75 -21.54
C VAL B 178 -14.30 -14.39 -20.35
N GLY B 179 -14.91 -14.25 -19.17
CA GLY B 179 -14.35 -14.86 -17.98
C GLY B 179 -14.18 -16.36 -18.10
N THR B 180 -13.27 -16.89 -17.29
CA THR B 180 -13.07 -18.34 -17.24
C THR B 180 -14.39 -18.98 -16.87
N LYS B 181 -14.82 -20.00 -17.61
CA LYS B 181 -16.19 -20.49 -17.46
C LYS B 181 -16.42 -21.01 -16.03
N ARG B 182 -15.44 -21.69 -15.44
CA ARG B 182 -15.61 -22.30 -14.12
C ARG B 182 -16.05 -21.29 -13.06
N TYR B 183 -15.61 -20.04 -13.17
CA TYR B 183 -15.86 -19.01 -12.18
C TYR B 183 -17.01 -18.09 -12.54
N MET B 184 -17.75 -18.37 -13.62
CA MET B 184 -18.80 -17.47 -14.07
C MET B 184 -20.00 -17.47 -13.13
N ALA B 185 -20.52 -16.27 -12.86
CA ALA B 185 -21.62 -16.08 -11.93
C ALA B 185 -22.93 -16.48 -12.59
N PRO B 186 -23.94 -16.79 -11.78
CA PRO B 186 -25.23 -17.23 -12.32
C PRO B 186 -25.82 -16.28 -13.34
N GLU B 187 -25.70 -14.97 -13.11
CA GLU B 187 -26.32 -13.98 -13.98
C GLU B 187 -25.63 -13.86 -15.33
N VAL B 188 -24.36 -14.29 -15.41
CA VAL B 188 -23.65 -14.39 -16.69
C VAL B 188 -24.12 -15.62 -17.44
N LEU B 189 -24.33 -16.70 -16.72
CA LEU B 189 -24.68 -17.96 -17.34
C LEU B 189 -26.12 -17.96 -17.85
N ASP B 190 -27.02 -17.23 -17.20
CA ASP B 190 -28.41 -17.17 -17.62
C ASP B 190 -28.75 -15.83 -18.28
N GLU B 191 -27.74 -15.00 -18.52
CA GLU B 191 -27.82 -13.82 -19.40
C GLU B 191 -28.79 -12.76 -18.88
N THR B 192 -29.02 -12.75 -17.56
CA THR B 192 -29.77 -11.71 -16.87
C THR B 192 -28.90 -10.57 -16.35
N ILE B 193 -27.57 -10.69 -16.45
CA ILE B 193 -26.71 -9.65 -15.91
C ILE B 193 -27.06 -8.32 -16.55
N GLN B 194 -27.07 -7.26 -15.75
CA GLN B 194 -27.38 -5.92 -16.24
C GLN B 194 -26.07 -5.31 -16.73
N VAL B 195 -25.84 -5.35 -18.05
CA VAL B 195 -24.50 -5.05 -18.58
C VAL B 195 -24.16 -3.56 -18.55
N ASP B 196 -25.14 -2.69 -18.36
CA ASP B 196 -24.89 -1.25 -18.32
C ASP B 196 -24.80 -0.74 -16.90
N CYS B 197 -24.58 -1.62 -15.93
N CYS B 197 -24.59 -1.62 -15.93
CA CYS B 197 -24.52 -1.27 -14.51
CA CYS B 197 -24.51 -1.25 -14.52
C CYS B 197 -23.16 -1.67 -13.97
C CYS B 197 -23.15 -1.66 -13.99
N PHE B 198 -22.37 -0.69 -13.52
CA PHE B 198 -21.04 -1.00 -13.02
C PHE B 198 -21.10 -1.93 -11.82
N ASP B 199 -22.13 -1.78 -10.98
CA ASP B 199 -22.28 -2.66 -9.82
C ASP B 199 -22.34 -4.11 -10.24
N SER B 200 -22.90 -4.39 -11.41
CA SER B 200 -23.02 -5.78 -11.85
C SER B 200 -21.66 -6.44 -11.97
N TYR B 201 -20.67 -5.71 -12.45
CA TYR B 201 -19.34 -6.28 -12.63
C TYR B 201 -18.66 -6.49 -11.29
N LYS B 202 -18.90 -5.59 -10.34
CA LYS B 202 -18.34 -5.79 -9.01
C LYS B 202 -18.92 -7.05 -8.35
N ARG B 203 -20.21 -7.32 -8.60
CA ARG B 203 -20.83 -8.49 -7.97
C ARG B 203 -20.35 -9.78 -8.61
N VAL B 204 -20.03 -9.73 -9.89
CA VAL B 204 -19.39 -10.88 -10.55
C VAL B 204 -18.03 -11.17 -9.91
N ASP B 205 -17.26 -10.13 -9.59
CA ASP B 205 -16.01 -10.32 -8.86
C ASP B 205 -16.25 -10.96 -7.50
N ILE B 206 -17.32 -10.59 -6.80
CA ILE B 206 -17.56 -11.13 -5.47
C ILE B 206 -17.88 -12.63 -5.53
N TRP B 207 -18.70 -13.03 -6.50
CA TRP B 207 -18.93 -14.46 -6.73
C TRP B 207 -17.62 -15.20 -6.92
N ALA B 208 -16.77 -14.72 -7.85
CA ALA B 208 -15.51 -15.40 -8.12
C ALA B 208 -14.65 -15.45 -6.86
N PHE B 209 -14.63 -14.35 -6.12
CA PHE B 209 -13.84 -14.31 -4.91
C PHE B 209 -14.31 -15.37 -3.90
N GLY B 210 -15.64 -15.54 -3.75
CA GLY B 210 -16.15 -16.60 -2.91
C GLY B 210 -15.63 -17.96 -3.29
N LEU B 211 -15.52 -18.22 -4.59
CA LEU B 211 -14.98 -19.51 -5.03
C LEU B 211 -13.51 -19.65 -4.67
N VAL B 212 -12.71 -18.57 -4.80
CA VAL B 212 -11.30 -18.62 -4.41
C VAL B 212 -11.17 -18.84 -2.91
N LEU B 213 -12.00 -18.17 -2.11
CA LEU B 213 -11.99 -18.43 -0.67
C LEU B 213 -12.13 -19.91 -0.37
N TRP B 214 -13.13 -20.54 -1.01
CA TRP B 214 -13.38 -21.98 -0.85
C TRP B 214 -12.13 -22.78 -1.22
N GLU B 215 -11.53 -22.48 -2.37
CA GLU B 215 -10.31 -23.18 -2.76
C GLU B 215 -9.22 -23.12 -1.69
N VAL B 216 -9.08 -21.96 -1.05
CA VAL B 216 -8.00 -21.73 -0.10
C VAL B 216 -8.33 -22.39 1.22
N ALA B 217 -9.55 -22.15 1.73
CA ALA B 217 -9.98 -22.72 3.01
C ALA B 217 -9.82 -24.23 3.07
N ARG B 218 -10.03 -24.90 1.93
CA ARG B 218 -9.90 -26.35 1.85
C ARG B 218 -8.50 -26.81 2.26
N ARG B 219 -7.49 -25.96 2.08
CA ARG B 219 -6.11 -26.35 2.29
C ARG B 219 -5.58 -25.91 3.64
N MET B 220 -6.41 -25.29 4.48
CA MET B 220 -6.05 -24.94 5.83
C MET B 220 -6.30 -26.14 6.74
N VAL B 221 -5.28 -26.52 7.52
CA VAL B 221 -5.41 -27.70 8.37
C VAL B 221 -6.22 -27.34 9.62
N SER B 222 -7.05 -28.27 10.07
CA SER B 222 -7.73 -28.13 11.35
C SER B 222 -7.81 -29.51 11.97
N ASN B 223 -7.40 -29.63 13.23
CA ASN B 223 -7.48 -30.89 13.95
C ASN B 223 -6.87 -32.03 13.13
N GLY B 224 -5.79 -31.72 12.42
CA GLY B 224 -5.07 -32.70 11.65
C GLY B 224 -5.73 -33.10 10.36
N ILE B 225 -6.80 -32.41 9.96
CA ILE B 225 -7.57 -32.72 8.76
C ILE B 225 -7.36 -31.59 7.74
N VAL B 226 -7.26 -31.98 6.47
CA VAL B 226 -7.19 -31.05 5.34
C VAL B 226 -7.78 -31.78 4.14
N GLU B 227 -8.41 -31.00 3.25
CA GLU B 227 -8.87 -31.50 1.95
C GLU B 227 -7.78 -31.34 0.90
N ASP B 228 -7.80 -32.24 -0.09
CA ASP B 228 -6.94 -32.10 -1.25
C ASP B 228 -7.31 -30.81 -2.01
N TYR B 229 -6.34 -30.24 -2.73
CA TYR B 229 -6.66 -29.12 -3.60
C TYR B 229 -7.62 -29.61 -4.70
N LYS B 230 -8.74 -28.92 -4.89
CA LYS B 230 -9.61 -29.13 -6.02
C LYS B 230 -10.09 -27.78 -6.51
N PRO B 231 -10.31 -27.63 -7.82
CA PRO B 231 -10.94 -26.40 -8.30
C PRO B 231 -12.43 -26.38 -8.01
N PRO B 232 -13.08 -25.22 -8.03
CA PRO B 232 -14.52 -25.17 -7.79
C PRO B 232 -15.29 -26.03 -8.79
N PHE B 233 -16.30 -26.75 -8.28
CA PHE B 233 -17.20 -27.59 -9.07
C PHE B 233 -16.48 -28.79 -9.69
N TYR B 234 -15.32 -29.15 -9.14
CA TYR B 234 -14.56 -30.28 -9.67
C TYR B 234 -15.34 -31.59 -9.74
N ASP B 235 -16.34 -31.77 -8.85
CA ASP B 235 -17.13 -32.99 -8.83
C ASP B 235 -18.31 -33.00 -9.79
N VAL B 236 -18.63 -31.88 -10.43
CA VAL B 236 -19.85 -31.79 -11.22
C VAL B 236 -19.63 -31.17 -12.60
N VAL B 237 -18.42 -30.81 -12.96
CA VAL B 237 -18.17 -30.34 -14.32
C VAL B 237 -16.90 -30.98 -14.86
N PRO B 238 -16.79 -31.08 -16.18
CA PRO B 238 -15.56 -31.61 -16.79
C PRO B 238 -14.37 -30.68 -16.58
N ASN B 239 -13.17 -31.24 -16.77
CA ASN B 239 -12.01 -30.39 -16.97
C ASN B 239 -12.29 -29.48 -18.17
N ASP B 240 -11.83 -28.24 -18.11
CA ASP B 240 -12.07 -27.27 -19.16
C ASP B 240 -13.58 -27.17 -19.45
N PRO B 241 -14.39 -26.81 -18.46
CA PRO B 241 -15.84 -26.89 -18.65
C PRO B 241 -16.35 -25.84 -19.61
N SER B 242 -17.45 -26.17 -20.28
CA SER B 242 -18.07 -25.26 -21.21
C SER B 242 -19.02 -24.32 -20.46
N PHE B 243 -19.41 -23.25 -21.16
CA PHE B 243 -20.50 -22.39 -20.72
C PHE B 243 -21.73 -23.21 -20.31
N GLU B 244 -22.15 -24.14 -21.15
CA GLU B 244 -23.35 -24.91 -20.82
C GLU B 244 -23.12 -25.93 -19.69
N ASP B 245 -21.92 -26.52 -19.57
CA ASP B 245 -21.59 -27.34 -18.42
C ASP B 245 -21.83 -26.57 -17.11
N MET B 246 -21.35 -25.31 -17.07
CA MET B 246 -21.55 -24.48 -15.88
C MET B 246 -23.01 -24.07 -15.69
N ARG B 247 -23.72 -23.74 -16.77
CA ARG B 247 -25.11 -23.31 -16.60
C ARG B 247 -25.93 -24.42 -15.97
N LYS B 248 -25.69 -25.67 -16.38
CA LYS B 248 -26.40 -26.81 -15.80
C LYS B 248 -26.20 -26.88 -14.29
N VAL B 249 -24.96 -26.66 -13.84
CA VAL B 249 -24.62 -26.84 -12.43
C VAL B 249 -25.09 -25.66 -11.59
N VAL B 250 -24.78 -24.45 -12.05
CA VAL B 250 -24.93 -23.25 -11.23
C VAL B 250 -26.35 -22.68 -11.30
N CYS B 251 -26.97 -22.69 -12.48
CA CYS B 251 -28.32 -22.15 -12.65
C CYS B 251 -29.42 -23.20 -12.62
N VAL B 252 -29.26 -24.28 -13.37
CA VAL B 252 -30.36 -25.24 -13.48
C VAL B 252 -30.47 -26.04 -12.19
N ASP B 253 -29.34 -26.57 -11.71
CA ASP B 253 -29.27 -27.38 -10.50
C ASP B 253 -29.05 -26.58 -9.21
N GLN B 254 -28.72 -25.29 -9.31
CA GLN B 254 -28.51 -24.40 -8.17
C GLN B 254 -27.49 -24.96 -7.16
N GLN B 255 -26.42 -25.55 -7.70
CA GLN B 255 -25.36 -26.10 -6.87
C GLN B 255 -24.33 -25.05 -6.50
N ARG B 256 -23.70 -25.28 -5.36
CA ARG B 256 -22.61 -24.44 -4.84
C ARG B 256 -21.58 -25.37 -4.22
N PRO B 257 -20.32 -24.91 -4.12
CA PRO B 257 -19.29 -25.77 -3.51
C PRO B 257 -19.71 -26.24 -2.13
N ASN B 258 -19.39 -27.48 -1.82
CA ASN B 258 -19.75 -28.08 -0.53
C ASN B 258 -18.79 -27.65 0.56
N ILE B 259 -19.36 -27.40 1.73
CA ILE B 259 -18.58 -27.02 2.92
C ILE B 259 -18.30 -28.30 3.71
N PRO B 260 -17.04 -28.71 3.85
CA PRO B 260 -16.74 -29.89 4.68
C PRO B 260 -17.13 -29.65 6.13
N ASN B 261 -17.71 -30.67 6.77
CA ASN B 261 -18.16 -30.49 8.13
C ASN B 261 -17.00 -30.28 9.10
N ARG B 262 -15.82 -30.83 8.80
CA ARG B 262 -14.68 -30.61 9.69
C ARG B 262 -14.41 -29.13 9.88
N TRP B 263 -14.91 -28.26 8.98
CA TRP B 263 -14.66 -26.83 9.16
C TRP B 263 -15.35 -26.30 10.39
N PHE B 264 -16.44 -26.90 10.80
CA PHE B 264 -17.21 -26.35 11.93
C PHE B 264 -16.60 -26.70 13.28
N SER B 265 -15.53 -27.50 13.30
CA SER B 265 -14.74 -27.69 14.51
C SER B 265 -13.69 -26.59 14.70
N ASP B 266 -13.48 -25.74 13.69
CA ASP B 266 -12.48 -24.67 13.70
C ASP B 266 -13.15 -23.31 13.58
N PRO B 267 -12.89 -22.37 14.48
CA PRO B 267 -13.62 -21.08 14.42
C PRO B 267 -13.31 -20.24 13.18
N THR B 268 -12.08 -20.27 12.68
CA THR B 268 -11.73 -19.51 11.47
C THR B 268 -12.47 -20.06 10.26
N LEU B 269 -12.39 -21.36 10.04
CA LEU B 269 -13.06 -21.95 8.89
C LEU B 269 -14.57 -21.76 8.99
N THR B 270 -15.13 -21.74 10.20
CA THR B 270 -16.55 -21.50 10.36
C THR B 270 -16.92 -20.11 9.86
N SER B 271 -16.14 -19.10 10.26
CA SER B 271 -16.35 -17.74 9.75
C SER B 271 -16.12 -17.64 8.24
N LEU B 272 -15.11 -18.35 7.73
CA LEU B 272 -14.89 -18.32 6.28
C LEU B 272 -16.06 -18.97 5.53
N ALA B 273 -16.58 -20.10 6.06
CA ALA B 273 -17.72 -20.74 5.44
C ALA B 273 -18.90 -19.77 5.34
N LYS B 274 -19.14 -18.97 6.38
CA LYS B 274 -20.26 -18.04 6.35
C LYS B 274 -20.02 -16.95 5.31
N LEU B 275 -18.77 -16.49 5.19
CA LEU B 275 -18.45 -15.42 4.26
C LEU B 275 -18.62 -15.88 2.83
N MET B 276 -18.10 -17.05 2.50
CA MET B 276 -18.15 -17.47 1.09
C MET B 276 -19.58 -17.79 0.67
N LYS B 277 -20.42 -18.28 1.58
CA LYS B 277 -21.83 -18.45 1.22
C LYS B 277 -22.50 -17.12 0.91
N GLU B 278 -22.10 -16.06 1.58
CA GLU B 278 -22.65 -14.73 1.29
C GLU B 278 -22.05 -14.06 0.05
N CYS B 279 -21.11 -14.72 -0.62
CA CYS B 279 -20.68 -14.31 -1.96
C CYS B 279 -21.44 -15.05 -3.06
N TRP B 280 -22.23 -16.05 -2.68
CA TRP B 280 -22.82 -17.00 -3.62
C TRP B 280 -24.34 -16.89 -3.74
N TYR B 281 -24.92 -15.81 -3.21
CA TYR B 281 -26.35 -15.58 -3.48
C TYR B 281 -26.60 -15.59 -4.98
N GLN B 282 -27.68 -16.28 -5.39
CA GLN B 282 -28.15 -16.16 -6.77
C GLN B 282 -28.48 -14.72 -7.14
N ASN B 283 -29.12 -14.00 -6.25
CA ASN B 283 -29.47 -12.61 -6.47
C ASN B 283 -28.22 -11.76 -6.28
N PRO B 284 -27.67 -11.16 -7.34
CA PRO B 284 -26.38 -10.50 -7.18
C PRO B 284 -26.38 -9.40 -6.12
N SER B 285 -27.50 -8.73 -5.90
CA SER B 285 -27.49 -7.58 -4.99
C SER B 285 -27.46 -8.01 -3.53
N ALA B 286 -27.66 -9.28 -3.22
CA ALA B 286 -27.55 -9.76 -1.84
C ALA B 286 -26.11 -10.09 -1.44
N ARG B 287 -25.16 -10.05 -2.36
CA ARG B 287 -23.79 -10.44 -2.06
C ARG B 287 -23.07 -9.37 -1.24
N LEU B 288 -22.15 -9.82 -0.38
CA LEU B 288 -21.30 -8.88 0.35
C LEU B 288 -20.51 -8.01 -0.63
N THR B 289 -20.09 -6.84 -0.17
CA THR B 289 -19.14 -6.03 -0.90
C THR B 289 -17.72 -6.38 -0.53
N ALA B 290 -16.78 -5.96 -1.39
CA ALA B 290 -15.38 -6.28 -1.18
C ALA B 290 -14.87 -5.65 0.09
N LEU B 291 -15.30 -4.44 0.38
CA LEU B 291 -14.89 -3.76 1.61
C LEU B 291 -15.49 -4.45 2.84
N ARG B 292 -16.72 -4.91 2.76
CA ARG B 292 -17.29 -5.62 3.90
C ARG B 292 -16.53 -6.91 4.16
N ILE B 293 -16.15 -7.63 3.10
CA ILE B 293 -15.32 -8.82 3.28
C ILE B 293 -14.00 -8.43 3.94
N LYS B 294 -13.36 -7.40 3.41
CA LYS B 294 -12.12 -6.92 4.01
C LYS B 294 -12.30 -6.60 5.50
N LYS B 295 -13.34 -5.86 5.85
CA LYS B 295 -13.54 -5.53 7.26
C LYS B 295 -13.77 -6.80 8.08
N THR B 296 -14.60 -7.70 7.57
CA THR B 296 -14.88 -8.95 8.28
C THR B 296 -13.62 -9.80 8.48
N LEU B 297 -12.75 -9.85 7.47
CA LEU B 297 -11.53 -10.65 7.59
C LEU B 297 -10.50 -10.00 8.51
N THR B 298 -10.52 -8.67 8.61
CA THR B 298 -9.64 -7.98 9.52
C THR B 298 -9.99 -8.27 10.99
N LYS B 299 -11.25 -8.64 11.27
CA LYS B 299 -11.65 -8.96 12.63
C LYS B 299 -11.33 -10.40 13.06
N ILE B 300 -11.23 -11.33 12.11
CA ILE B 300 -11.25 -12.74 12.48
C ILE B 300 -10.09 -13.03 13.42
N ASP B 301 -10.37 -13.85 14.44
CA ASP B 301 -9.42 -14.27 15.47
C ASP B 301 -8.78 -13.09 16.18
C1 EDO C . -0.51 0.12 -0.88
O1 EDO C . -1.18 1.39 -0.85
C2 EDO C . 0.86 0.38 -0.31
O2 EDO C . 0.63 1.03 0.93
H11 EDO C . -0.45 -0.27 -1.90
H12 EDO C . -1.06 -0.61 -0.28
HO1 EDO C . -2.06 1.30 -1.24
H21 EDO C . 1.45 1.01 -0.98
H22 EDO C . 1.41 -0.56 -0.16
HO2 EDO C . 1.37 0.85 1.53
S SO4 D . -8.37 7.11 10.97
O1 SO4 D . -7.99 6.97 9.54
O2 SO4 D . -9.66 7.79 11.04
O3 SO4 D . -8.40 5.74 11.53
O4 SO4 D . -7.39 7.92 11.69
O1 TLA E . -2.90 6.82 2.82
O11 TLA E . -2.44 6.75 4.96
C1 TLA E . -3.20 7.08 4.03
C2 TLA E . -4.48 7.80 4.37
O2 TLA E . -4.17 9.04 4.94
C3 TLA E . -5.27 7.09 5.45
O3 TLA E . -6.41 7.87 5.73
C4 TLA E . -5.69 5.70 5.05
O4 TLA E . -5.43 5.27 3.90
O41 TLA E . -6.29 4.97 5.88
H2 TLA E . -4.99 7.85 3.54
HA TLA E . -3.41 8.97 5.32
H3 TLA E . -4.72 7.00 6.25
HB TLA E . -7.11 7.42 5.58
C10 MVE F . -3.84 17.30 12.61
C11 MVE F . -3.84 16.71 11.28
C12 MVE F . -3.03 16.99 10.12
N13 MVE F . -2.00 18.04 10.16
C01 MVE F . -8.77 19.74 18.84
C02 MVE F . -7.39 19.13 19.20
C04 MVE F . -6.19 17.01 18.94
C05 MVE F . -5.78 16.96 17.35
C06 MVE F . -4.61 17.57 16.87
C07 MVE F . -4.35 17.46 15.50
C08 MVE F . -5.21 16.77 14.66
C09 MVE F . -4.86 16.63 13.30
C14 MVE F . -1.40 18.50 8.85
C15 MVE F . -0.08 17.75 8.52
C17 MVE F . 1.83 19.03 9.51
C19 MVE F . 2.67 19.36 10.74
C20 MVE F . 2.64 20.85 11.08
C21 MVE F . 3.94 20.20 10.58
C22 MVE F . 0.36 17.38 10.82
C23 MVE F . -0.95 18.05 11.25
C24 MVE F . -3.28 16.27 8.95
C25 MVE F . -4.26 15.27 8.96
C28 MVE F . -5.39 15.67 12.43
C30 MVE F . -6.60 16.25 16.47
C31 MVE F . -5.13 17.62 19.73
C32 MVE F . -5.07 17.03 21.19
C34 MVE F . -6.07 16.01 22.80
C35 MVE F . -6.81 14.75 23.33
C36 MVE F . -6.56 17.22 23.66
C37 MVE F . -6.48 15.24 20.75
C38 MVE F . -6.49 15.58 19.24
N16 MVE F . 0.77 18.04 9.61
N26 MVE F . -4.98 15.04 10.06
N27 MVE F . -4.75 15.77 11.24
N29 MVE F . -6.31 16.17 15.15
N33 MVE F . -6.22 16.33 21.61
O03 MVE F . -7.43 17.71 19.19
O18 MVE F . 2.02 19.53 8.44
H101 MVE F . -3.27 17.96 12.92
H013 MVE F . -8.70 20.67 18.78
H012 MVE F . -9.39 19.52 19.52
H011 MVE F . -9.06 19.39 18.02
H022 MVE F . -7.14 19.43 20.06
H021 MVE F . -6.76 19.44 18.56
H061 MVE F . -4.04 18.03 17.44
H071 MVE F . -3.58 17.84 15.16
H142 MVE F . -2.02 18.35 8.16
H141 MVE F . -1.22 19.42 8.90
H151 MVE F . 0.28 18.07 7.71
H152 MVE F . -0.24 16.83 8.45
H191 MVE F . 2.74 18.73 11.44
H202 MVE F . 2.19 21.40 10.46
H201 MVE F . 2.62 21.06 12.00
H211 MVE F . 4.60 20.06 11.23
H212 MVE F . 4.18 20.40 9.70
H221 MVE F . 1.01 17.49 11.49
H222 MVE F . 0.22 16.46 10.66
H232 MVE F . -1.29 17.61 12.00
H231 MVE F . -0.77 18.95 11.48
H241 MVE F . -2.79 16.45 8.18
H251 MVE F . -4.41 14.77 8.21
H281 MVE F . -6.07 15.07 12.63
H301 MVE F . -7.35 15.82 16.80
H312 MVE F . -5.28 18.57 19.79
H311 MVE F . -4.28 17.46 19.30
H322 MVE F . -4.93 17.77 21.80
H321 MVE F . -4.31 16.43 21.23
H341 MVE F . -5.12 15.79 22.85
H353 MVE F . -7.76 14.81 23.10
H352 MVE F . -6.72 14.71 24.30
H351 MVE F . -6.43 13.96 22.94
H363 MVE F . -7.35 17.61 23.25
H362 MVE F . -5.86 17.89 23.71
H361 MVE F . -6.78 16.92 24.56
H372 MVE F . -5.79 14.57 20.90
H371 MVE F . -7.35 14.87 20.98
H381 MVE F . -5.81 15.03 18.80
H382 MVE F . -7.36 15.36 18.88
S SO4 G . 8.40 -12.38 -3.62
O1 SO4 G . 8.00 -10.98 -3.67
O2 SO4 G . 9.71 -12.61 -4.24
O3 SO4 G . 7.39 -13.27 -4.25
O4 SO4 G . 8.42 -12.70 -2.18
S DMS H . -10.44 -24.94 -16.03
O DMS H . -10.43 -26.40 -15.75
C1 DMS H . -9.45 -23.96 -14.87
C2 DMS H . -9.61 -24.70 -17.62
H11 DMS H . -8.74 -24.59 -14.41
H12 DMS H . -10.08 -23.54 -14.13
H13 DMS H . -8.96 -23.18 -15.39
H21 DMS H . -9.27 -25.64 -17.99
H22 DMS H . -10.28 -24.28 -18.32
H23 DMS H . -8.78 -24.04 -17.49
S DMS I . -5.92 -21.47 -19.92
O DMS I . -6.51 -20.17 -20.34
C1 DMS I . -7.08 -22.34 -18.83
C2 DMS I . -5.87 -22.67 -21.28
H11 DMS I . -7.54 -21.64 -18.19
H12 DMS I . -6.56 -23.06 -18.26
H13 DMS I . -7.82 -22.82 -19.42
H21 DMS I . -5.00 -23.28 -21.18
H22 DMS I . -5.82 -22.15 -22.21
H23 DMS I . -6.73 -23.26 -21.26
S SO4 J . 4.36 -6.90 -6.12
O1 SO4 J . 4.86 -5.56 -6.49
O2 SO4 J . 4.05 -7.66 -7.33
O3 SO4 J . 3.14 -6.78 -5.33
O4 SO4 J . 5.38 -7.62 -5.35
S SO4 K . -21.75 -2.69 3.79
O1 SO4 K . -21.64 -1.99 2.52
O2 SO4 K . -23.04 -2.42 4.41
O3 SO4 K . -20.70 -2.21 4.67
O4 SO4 K . -21.62 -4.12 3.57
C10 MVE L . 3.83 -16.84 -12.95
C10 MVE L . 3.83 -16.83 -12.95
C11 MVE L . 3.84 -15.42 -12.72
C11 MVE L . 3.84 -15.42 -12.72
C12 MVE L . 3.06 -14.36 -13.30
C12 MVE L . 3.05 -14.35 -13.31
N13 MVE L . 2.04 -14.67 -14.31
N13 MVE L . 2.03 -14.66 -14.32
C01 MVE L . 9.36 -23.37 -11.85
C01 MVE L . 6.04 -24.36 -14.02
C02 MVE L . 8.10 -22.88 -12.63
C02 MVE L . 7.12 -24.44 -12.92
C04 MVE L . 6.14 -22.91 -11.12
C04 MVE L . 6.21 -22.89 -11.15
C05 MVE L . 5.75 -21.36 -11.44
C05 MVE L . 5.81 -21.34 -11.45
C06 MVE L . 4.56 -21.05 -12.09
C06 MVE L . 4.61 -21.04 -12.10
C07 MVE L . 4.28 -19.71 -12.31
C07 MVE L . 4.30 -19.70 -12.31
C08 MVE L . 5.18 -18.72 -11.91
C08 MVE L . 5.20 -18.70 -11.91
C09 MVE L . 4.84 -17.36 -12.11
C09 MVE L . 4.84 -17.35 -12.10
C14 MVE L . 1.40 -13.54 -15.09
C14 MVE L . 1.40 -13.53 -15.10
C15 MVE L . 0.10 -13.08 -14.42
C15 MVE L . 0.10 -13.08 -14.42
C17 MVE L . -1.78 -14.40 -15.42
C17 MVE L . -1.78 -14.40 -15.42
C19 MVE L . -2.59 -15.71 -15.41
C19 MVE L . -2.58 -15.71 -15.41
C20 MVE L . -2.88 -16.26 -16.81
C20 MVE L . -2.87 -16.25 -16.80
C21 MVE L . -4.00 -15.62 -15.98
C21 MVE L . -4.00 -15.62 -15.98
C22 MVE L . -0.32 -15.17 -13.49
C22 MVE L . -0.32 -15.17 -13.49
C23 MVE L . 1.02 -15.75 -14.02
C23 MVE L . 1.01 -15.75 -14.02
C24 MVE L . 3.30 -13.05 -12.90
C24 MVE L . 3.28 -13.04 -12.89
C25 MVE L . 4.28 -12.81 -11.93
C25 MVE L . 4.26 -12.80 -11.91
C28 MVE L . 5.38 -16.28 -11.42
C28 MVE L . 5.38 -16.27 -11.41
C30 MVE L . 6.62 -20.32 -11.01
C30 MVE L . 6.67 -20.30 -11.04
C31 MVE L . 4.91 -23.71 -11.00
C31 MVE L . 5.00 -23.71 -11.14
C32 MVE L . 5.28 -25.15 -10.55
C32 MVE L . 5.17 -25.09 -10.44
C34 MVE L . 6.55 -26.39 -9.23
C34 MVE L . 6.53 -26.35 -9.22
C35 MVE L . 5.50 -27.54 -9.35
C35 MVE L . 5.47 -27.49 -9.32
C36 MVE L . 7.24 -26.53 -7.84
C36 MVE L . 7.26 -26.51 -7.85
C37 MVE L . 7.03 -24.26 -9.18
C37 MVE L . 7.05 -24.23 -9.18
C38 MVE L . 6.86 -22.87 -9.83
C38 MVE L . 6.86 -22.84 -9.82
N16 MVE L . -0.72 -14.21 -14.44
N16 MVE L . -0.72 -14.21 -14.44
N26 MVE L . 5.00 -13.81 -11.41
N26 MVE L . 4.98 -13.81 -11.40
N27 MVE L . 4.76 -15.14 -11.83
N27 MVE L . 4.75 -15.13 -11.83
N29 MVE L . 6.31 -19.03 -11.25
N29 MVE L . 6.34 -19.01 -11.27
N33 MVE L . 6.05 -25.27 -9.36
N33 MVE L . 6.05 -25.22 -9.34
O03 MVE L . 6.94 -23.54 -12.15
O03 MVE L . 7.20 -23.24 -12.15
O18 MVE L . -2.01 -13.54 -16.20
O18 MVE L . -2.00 -13.54 -16.19
H101 MVE L . 3.28 -17.31 -13.54
H101 MVE L . 3.30 -17.31 -13.54
H013 MVE L . 9.43 -22.91 -11.04
H013 MVE L . 5.77 -23.46 -14.12
H012 MVE L . 10.13 -23.21 -12.36
H012 MVE L . 5.30 -24.89 -13.78
H011 MVE L . 9.27 -24.29 -11.69
H011 MVE L . 6.40 -24.67 -14.83
H022 MVE L . 8.01 -21.95 -12.50
H022 MVE L . 7.95 -24.61 -13.31
H021 MVE L . 8.22 -23.06 -13.54
H021 MVE L . 6.90 -25.16 -12.33
H061 MVE L . 3.98 -21.72 -12.38
H061 MVE L . 4.03 -21.71 -12.38
H071 MVE L . 3.49 -19.46 -12.72
H071 MVE L . 3.51 -19.46 -12.71
H142 MVE L . 1.22 -13.82 -15.97
H142 MVE L . 1.21 -13.82 -15.97
H141 MVE L . 2.01 -12.81 -15.12
H141 MVE L . 2.00 -12.81 -15.13
H151 MVE L . 0.25 -12.79 -13.55
H151 MVE L . 0.26 -12.79 -13.54
H152 MVE L . -0.29 -12.38 -14.91
H152 MVE L . -0.29 -12.37 -14.90
H191 MVE L . -2.49 -16.33 -14.72
H191 MVE L . -2.48 -16.33 -14.72
H202 MVE L . -2.55 -15.74 -17.52
H202 MVE L . -2.55 -15.74 -17.52
H201 MVE L . -2.92 -17.19 -16.87
H201 MVE L . -2.91 -17.19 -16.88
H211 MVE L . -4.63 -16.21 -15.62
H211 MVE L . -4.63 -16.21 -15.62
H212 MVE L . -4.27 -14.76 -16.26
H212 MVE L . -4.27 -14.76 -16.26
H221 MVE L . -0.96 -15.85 -13.41
H221 MVE L . -0.96 -15.85 -13.41
H222 MVE L . -0.19 -14.76 -12.66
H222 MVE L . -0.19 -14.76 -12.66
H232 MVE L . 1.37 -16.34 -13.37
H232 MVE L . 1.37 -16.32 -13.37
H231 MVE L . 0.84 -16.23 -14.81
H231 MVE L . 0.84 -16.23 -14.81
H241 MVE L . 2.82 -12.35 -13.27
H241 MVE L . 2.80 -12.34 -13.26
H251 MVE L . 4.45 -11.94 -11.63
H251 MVE L . 4.42 -11.94 -11.62
H281 MVE L . 6.06 -16.33 -10.79
H281 MVE L . 6.05 -16.31 -10.78
H301 MVE L . 7.39 -20.53 -10.56
H301 MVE L . 7.45 -20.50 -10.60
H312 MVE L . 4.46 -23.74 -11.86
H312 MVE L . 4.72 -23.86 -12.05
H311 MVE L . 4.33 -23.31 -10.35
H311 MVE L . 4.30 -23.22 -10.68
H322 MVE L . 5.77 -25.57 -11.27
H322 MVE L . 5.48 -25.71 -11.12
H321 MVE L . 4.45 -25.63 -10.41
H321 MVE L . 4.30 -25.37 -10.13
H341 MVE L . 7.18 -26.44 -9.97
H341 MVE L . 7.14 -26.41 -9.97
H353 MVE L . 5.34 -27.74 -10.29
H353 MVE L . 5.29 -27.68 -10.26
H352 MVE L . 4.67 -27.27 -8.94
H352 MVE L . 4.65 -27.21 -8.89
H351 MVE L . 5.85 -28.33 -8.91
H351 MVE L . 5.81 -28.29 -8.89
H363 MVE L . 6.72 -26.09 -7.16
H363 MVE L . 6.75 -26.07 -7.15
H362 MVE L . 8.13 -26.13 -7.88
H362 MVE L . 8.14 -26.10 -7.91
H361 MVE L . 7.33 -27.47 -7.62
H361 MVE L . 7.36 -27.45 -7.64
H372 MVE L . 7.11 -24.13 -8.23
H372 MVE L . 7.16 -24.09 -8.22
H371 MVE L . 7.87 -24.62 -9.52
H371 MVE L . 7.87 -24.60 -9.55
H381 MVE L . 6.36 -22.31 -9.21
H381 MVE L . 6.31 -22.30 -9.23
H382 MVE L . 7.73 -22.48 -9.97
H382 MVE L . 7.73 -22.41 -9.91
#